data_2GHW
#
_entry.id   2GHW
#
_cell.length_a   47.453
_cell.length_b   175.902
_cell.length_c   67.561
_cell.angle_alpha   90.00
_cell.angle_beta   96.55
_cell.angle_gamma   90.00
#
_symmetry.space_group_name_H-M   'P 1 21 1'
#
loop_
_entity.id
_entity.type
_entity.pdbx_description
1 polymer 'Spike glycoprotein'
2 polymer 'anti-sars scFv antibody, 80R'
3 non-polymer 'CHLORIDE ION'
4 water water
#
loop_
_entity_poly.entity_id
_entity_poly.type
_entity_poly.pdbx_seq_one_letter_code
_entity_poly.pdbx_strand_id
1 'polypeptide(L)'
;MADPNITNLCPFGEVFNATKFPSVYAWERKKISNCVADYSVLYNSTFFSTFKCYGVSATKLNDLCFSNVYADSFVVKGDD
VRQIAPGQTGVIADYNYKLPDDFMGCVLAWNTRNIDATSTGNYNYKYRYLRHGKLRPFERDISNVPFSPDGKPCTPPALN
CYWPLNDYGFYTTTGIGYQPYRVVVLSFELLNAPATVSGLVPR
;
A,C
2 'polypeptide(L)'
;MAEVQLVQSGGGVVQPGKSLRLSCAASGFAFSSYAMHWVRQAPGKGLEWVAVISYDGSNKYYADSVKGRFTISRDNSKNT
LYLQMNSLRAEDTAVYYCARDRSYYLDYWGQGTLVTVSSGGGGSGGGGSGGGGSETTLTQSPATLSLSPGERATLSCRAS
QSVRSNLAWYQQKPGQAPRPLIYDASTRATGIPDRFSGSGSGTDFTLTISRLEPEDFAVYYCQQRSNWPPTFGQGTKVEV
KSGLVPR
;
B,D
#
# COMPACT_ATOMS: atom_id res chain seq x y z
N ILE A 6 7.22 -3.17 19.73
CA ILE A 6 7.24 -2.00 20.62
C ILE A 6 8.64 -1.35 20.62
N THR A 7 9.34 -1.44 19.48
CA THR A 7 10.63 -0.77 19.30
C THR A 7 10.42 0.69 18.86
N ASN A 8 10.38 1.59 19.85
CA ASN A 8 10.23 3.02 19.60
C ASN A 8 8.92 3.37 18.88
N LEU A 9 7.81 3.13 19.56
CA LEU A 9 6.48 3.51 19.06
C LEU A 9 6.35 5.05 19.07
N CYS A 10 5.56 5.58 18.14
CA CYS A 10 5.36 7.03 18.04
C CYS A 10 4.64 7.56 19.28
N PRO A 11 5.27 8.50 20.02
CA PRO A 11 4.63 9.07 21.19
C PRO A 11 3.46 9.98 20.82
N PHE A 12 2.29 9.38 20.62
CA PHE A 12 1.07 10.13 20.27
C PHE A 12 0.48 10.89 21.46
N GLY A 13 0.74 10.41 22.67
CA GLY A 13 0.22 11.01 23.90
C GLY A 13 0.66 12.44 24.13
N GLU A 14 1.82 12.83 23.59
CA GLU A 14 2.27 14.23 23.69
C GLU A 14 1.44 15.17 22.81
N VAL A 15 0.79 14.62 21.78
CA VAL A 15 -0.09 15.39 20.89
C VAL A 15 -1.53 15.45 21.43
N PHE A 16 -2.11 14.27 21.67
CA PHE A 16 -3.52 14.17 22.03
C PHE A 16 -3.83 14.68 23.43
N ASN A 17 -2.87 14.53 24.35
CA ASN A 17 -3.03 14.97 25.73
C ASN A 17 -2.39 16.33 26.02
N ALA A 18 -2.15 17.12 24.97
CA ALA A 18 -1.63 18.48 25.13
C ALA A 18 -2.62 19.28 25.95
N THR A 19 -2.12 19.92 27.01
CA THR A 19 -2.93 20.75 27.90
C THR A 19 -3.72 21.83 27.13
N LYS A 20 -3.06 22.53 26.22
CA LYS A 20 -3.67 23.61 25.44
C LYS A 20 -3.63 23.32 23.95
N PHE A 21 -4.76 23.54 23.27
CA PHE A 21 -4.87 23.41 21.81
C PHE A 21 -5.04 24.79 21.17
N PRO A 22 -4.54 24.97 19.95
CA PRO A 22 -4.70 26.26 19.31
C PRO A 22 -6.04 26.45 18.60
N SER A 23 -6.28 27.69 18.20
CA SER A 23 -7.44 28.07 17.42
C SER A 23 -7.26 27.54 15.99
N VAL A 24 -8.36 27.15 15.34
CA VAL A 24 -8.30 26.57 13.97
C VAL A 24 -7.68 27.49 12.88
N TYR A 25 -7.78 28.80 13.04
CA TYR A 25 -7.17 29.72 12.08
C TYR A 25 -5.63 29.72 12.21
N ALA A 26 -5.16 29.48 13.44
CA ALA A 26 -3.75 29.45 13.79
C ALA A 26 -3.36 28.03 14.22
N TRP A 27 -3.80 27.05 13.42
CA TRP A 27 -3.57 25.63 13.67
C TRP A 27 -2.07 25.30 13.70
N GLU A 28 -1.69 24.39 14.60
CA GLU A 28 -0.28 24.09 14.83
C GLU A 28 0.08 22.68 14.41
N ARG A 29 1.32 22.51 13.96
CA ARG A 29 1.86 21.24 13.56
C ARG A 29 3.01 20.86 14.47
N LYS A 30 2.97 19.65 15.00
CA LYS A 30 4.16 19.05 15.59
C LYS A 30 4.53 17.87 14.71
N LYS A 31 5.84 17.73 14.42
CA LYS A 31 6.36 16.55 13.76
C LYS A 31 6.93 15.59 14.82
N ILE A 32 6.47 14.33 14.79
CA ILE A 32 7.04 13.27 15.60
C ILE A 32 7.94 12.45 14.67
N SER A 33 9.24 12.44 14.95
CA SER A 33 10.24 11.86 14.03
C SER A 33 10.66 10.43 14.38
N ASN A 34 10.98 9.65 13.34
CA ASN A 34 11.62 8.33 13.46
C ASN A 34 10.96 7.36 14.45
N CYS A 35 9.72 6.97 14.17
CA CYS A 35 8.99 6.06 15.06
C CYS A 35 7.96 5.21 14.31
N VAL A 36 7.61 4.06 14.88
CA VAL A 36 6.62 3.20 14.25
C VAL A 36 5.21 3.67 14.60
N ALA A 37 4.50 4.17 13.59
CA ALA A 37 3.12 4.64 13.77
C ALA A 37 2.26 3.46 14.21
N ASP A 38 1.65 3.60 15.38
CA ASP A 38 0.77 2.58 15.95
C ASP A 38 -0.57 3.23 16.29
N TYR A 39 -1.16 3.87 15.30
CA TYR A 39 -2.43 4.58 15.46
C TYR A 39 -3.62 3.61 15.64
N SER A 40 -3.40 2.35 15.27
CA SER A 40 -4.29 1.22 15.56
C SER A 40 -4.68 1.08 17.04
N VAL A 41 -3.79 1.48 17.94
CA VAL A 41 -4.08 1.47 19.36
C VAL A 41 -5.05 2.59 19.75
N LEU A 42 -5.02 3.67 18.97
CA LEU A 42 -5.90 4.81 19.19
C LEU A 42 -7.31 4.54 18.65
N TYR A 43 -7.39 3.85 17.50
CA TYR A 43 -8.67 3.38 16.95
C TYR A 43 -9.43 2.49 17.95
N ASN A 44 -8.69 1.59 18.61
CA ASN A 44 -9.21 0.73 19.69
C ASN A 44 -9.90 1.48 20.85
N SER A 45 -9.49 2.73 21.07
CA SER A 45 -9.99 3.53 22.20
C SER A 45 -11.45 3.97 22.03
N THR A 46 -12.15 4.01 23.16
CA THR A 46 -13.46 4.65 23.28
C THR A 46 -13.34 6.19 23.18
N PHE A 47 -12.11 6.69 23.33
CA PHE A 47 -11.74 8.13 23.39
C PHE A 47 -12.20 9.07 22.24
N PHE A 48 -12.30 8.56 21.01
CA PHE A 48 -12.52 9.39 19.80
C PHE A 48 -13.92 9.32 19.18
N SER A 49 -14.50 10.48 18.89
CA SER A 49 -15.82 10.54 18.25
C SER A 49 -15.71 10.51 16.72
N THR A 50 -14.66 11.13 16.19
CA THR A 50 -14.28 11.00 14.78
C THR A 50 -12.94 10.24 14.65
N PHE A 51 -12.89 9.31 13.69
CA PHE A 51 -11.66 8.61 13.32
C PHE A 51 -11.79 8.13 11.86
N LYS A 52 -11.34 8.95 10.91
CA LYS A 52 -11.40 8.60 9.51
C LYS A 52 -10.00 8.67 8.88
N CYS A 53 -9.55 7.53 8.36
CA CYS A 53 -8.32 7.44 7.63
C CYS A 53 -8.66 7.33 6.16
N TYR A 54 -7.80 7.91 5.34
CA TYR A 54 -8.01 8.05 3.91
C TYR A 54 -6.85 7.40 3.20
N GLY A 55 -7.09 6.91 1.98
CA GLY A 55 -6.03 6.32 1.18
C GLY A 55 -5.28 5.21 1.88
N VAL A 56 -3.96 5.28 1.86
CA VAL A 56 -3.12 4.16 2.35
C VAL A 56 -3.15 3.98 3.88
N SER A 57 -3.54 5.03 4.60
CA SER A 57 -3.71 4.96 6.06
C SER A 57 -4.92 4.13 6.48
N ALA A 58 -5.90 4.03 5.58
CA ALA A 58 -7.10 3.22 5.78
C ALA A 58 -6.85 1.73 5.50
N THR A 59 -5.80 1.42 4.72
CA THR A 59 -5.39 0.05 4.45
C THR A 59 -4.37 -0.46 5.49
N LYS A 60 -3.41 0.39 5.83
CA LYS A 60 -2.41 0.06 6.86
C LYS A 60 -2.87 0.45 8.27
N LEU A 61 -4.18 0.41 8.53
CA LEU A 61 -4.74 0.93 9.79
C LEU A 61 -4.29 0.13 11.02
N ASN A 62 -4.30 -1.20 10.89
CA ASN A 62 -3.84 -2.09 11.96
C ASN A 62 -2.39 -2.55 11.78
N ASP A 63 -1.69 -1.94 10.81
CA ASP A 63 -0.27 -2.20 10.56
C ASP A 63 0.66 -1.32 11.39
N LEU A 64 1.92 -1.76 11.45
CA LEU A 64 2.98 -1.17 12.28
C LEU A 64 4.19 -0.89 11.38
N CYS A 65 4.55 0.38 11.19
CA CYS A 65 5.55 0.80 10.19
C CYS A 65 6.33 2.09 10.56
N PHE A 66 7.56 2.23 10.06
CA PHE A 66 8.47 3.36 10.40
C PHE A 66 8.27 4.61 9.54
N SER A 67 7.91 5.71 10.18
CA SER A 67 7.61 6.96 9.49
C SER A 67 7.84 8.18 10.38
N ASN A 68 7.79 9.37 9.75
CA ASN A 68 7.63 10.62 10.47
C ASN A 68 6.16 10.98 10.46
N VAL A 69 5.64 11.46 11.60
CA VAL A 69 4.23 11.79 11.72
C VAL A 69 4.10 13.29 11.93
N TYR A 70 3.32 13.94 11.06
CA TYR A 70 2.97 15.34 11.21
C TYR A 70 1.58 15.42 11.80
N ALA A 71 1.48 16.01 12.99
CA ALA A 71 0.21 16.13 13.71
C ALA A 71 -0.29 17.59 13.73
N ASP A 72 -1.45 17.84 13.10
CA ASP A 72 -2.08 19.16 13.09
C ASP A 72 -3.18 19.24 14.14
N SER A 73 -2.98 20.11 15.14
CA SER A 73 -3.93 20.26 16.25
C SER A 73 -4.73 21.54 16.14
N PHE A 74 -6.02 21.46 16.42
CA PHE A 74 -6.84 22.65 16.54
C PHE A 74 -8.18 22.30 17.17
N VAL A 75 -8.94 23.34 17.52
CA VAL A 75 -10.26 23.17 18.08
C VAL A 75 -11.31 23.70 17.11
N VAL A 76 -12.43 22.97 17.00
CA VAL A 76 -13.57 23.46 16.25
C VAL A 76 -14.87 23.08 16.95
N LYS A 77 -15.94 23.71 16.47
CA LYS A 77 -17.31 23.47 16.90
C LYS A 77 -17.67 22.09 16.41
N GLY A 78 -18.65 21.45 17.05
CA GLY A 78 -19.10 20.11 16.64
C GLY A 78 -19.64 20.07 15.22
N ASP A 79 -20.41 21.08 14.84
CA ASP A 79 -20.93 21.16 13.47
C ASP A 79 -19.84 21.37 12.42
N ASP A 80 -18.68 21.82 12.87
CA ASP A 80 -17.56 22.10 11.98
C ASP A 80 -16.62 20.91 11.75
N VAL A 81 -16.66 19.91 12.62
CA VAL A 81 -15.77 18.74 12.53
C VAL A 81 -15.84 18.05 11.16
N ARG A 82 -17.04 17.94 10.59
CA ARG A 82 -17.20 17.34 9.27
C ARG A 82 -16.45 18.09 8.14
N GLN A 83 -16.10 19.36 8.36
CA GLN A 83 -15.31 20.13 7.38
C GLN A 83 -13.86 19.70 7.29
N ILE A 84 -13.34 19.03 8.31
CA ILE A 84 -11.98 18.54 8.29
C ILE A 84 -11.96 17.21 7.53
N ALA A 85 -12.28 17.30 6.23
CA ALA A 85 -12.30 16.15 5.32
C ALA A 85 -11.99 16.65 3.92
N PRO A 86 -11.41 15.77 3.07
CA PRO A 86 -11.18 16.11 1.66
C PRO A 86 -12.46 16.52 0.91
N GLY A 87 -12.37 17.55 0.10
CA GLY A 87 -13.48 17.97 -0.76
C GLY A 87 -14.56 18.80 -0.08
N GLN A 88 -14.33 19.16 1.17
CA GLN A 88 -15.36 19.88 1.93
C GLN A 88 -15.18 21.37 1.73
N THR A 89 -16.30 22.10 1.85
CA THR A 89 -16.31 23.55 1.75
C THR A 89 -17.01 24.12 2.97
N GLY A 90 -16.79 25.40 3.26
CA GLY A 90 -17.27 26.03 4.49
C GLY A 90 -16.18 26.90 5.09
N VAL A 91 -16.53 27.76 6.03
CA VAL A 91 -15.58 28.76 6.51
C VAL A 91 -14.31 28.17 7.13
N ILE A 92 -14.41 26.99 7.75
CA ILE A 92 -13.23 26.29 8.30
C ILE A 92 -12.42 25.66 7.18
N ALA A 93 -13.12 24.91 6.32
CA ALA A 93 -12.53 24.27 5.15
C ALA A 93 -11.92 25.30 4.19
N ASP A 94 -12.59 26.42 4.01
CA ASP A 94 -12.14 27.44 3.05
C ASP A 94 -11.05 28.35 3.61
N TYR A 95 -11.22 28.81 4.84
CA TYR A 95 -10.45 29.94 5.34
C TYR A 95 -9.59 29.62 6.55
N ASN A 96 -9.64 28.39 7.07
CA ASN A 96 -8.84 28.01 8.24
C ASN A 96 -7.89 26.83 8.06
N TYR A 97 -8.44 25.67 7.74
CA TYR A 97 -7.67 24.42 7.60
C TYR A 97 -8.23 23.59 6.46
N LYS A 98 -7.35 23.21 5.53
CA LYS A 98 -7.75 22.53 4.29
C LYS A 98 -6.92 21.26 4.07
N LEU A 99 -7.63 20.14 3.95
CA LEU A 99 -7.05 18.88 3.54
C LEU A 99 -7.09 18.78 2.02
N PRO A 100 -6.06 18.16 1.42
CA PRO A 100 -6.02 17.90 -0.04
C PRO A 100 -7.04 16.86 -0.47
N ASP A 101 -7.51 16.92 -1.71
CA ASP A 101 -8.43 15.90 -2.24
C ASP A 101 -7.78 14.52 -2.21
N ASP A 102 -6.46 14.48 -2.41
CA ASP A 102 -5.65 13.24 -2.40
C ASP A 102 -5.04 12.95 -1.01
N PHE A 103 -5.73 13.30 0.06
CA PHE A 103 -5.20 13.15 1.42
C PHE A 103 -5.17 11.68 1.83
N MET A 104 -4.05 11.26 2.42
CA MET A 104 -3.79 9.84 2.71
C MET A 104 -3.57 9.60 4.21
N GLY A 105 -3.98 10.53 5.06
CA GLY A 105 -3.79 10.42 6.50
C GLY A 105 -5.07 10.18 7.31
N CYS A 106 -5.01 10.45 8.61
CA CYS A 106 -6.16 10.26 9.49
C CYS A 106 -6.63 11.54 10.18
N VAL A 107 -7.94 11.65 10.34
CA VAL A 107 -8.57 12.75 11.05
C VAL A 107 -9.20 12.18 12.31
N LEU A 108 -8.77 12.71 13.44
CA LEU A 108 -9.24 12.29 14.75
C LEU A 108 -9.86 13.49 15.45
N ALA A 109 -11.04 13.30 16.05
CA ALA A 109 -11.67 14.37 16.85
C ALA A 109 -12.32 13.80 18.10
N TRP A 110 -12.47 14.64 19.10
CA TRP A 110 -13.14 14.24 20.33
C TRP A 110 -13.79 15.43 21.03
N ASN A 111 -14.86 15.14 21.75
CA ASN A 111 -15.63 16.16 22.43
C ASN A 111 -14.88 16.65 23.66
N THR A 112 -14.67 17.97 23.72
CA THR A 112 -13.93 18.60 24.81
C THR A 112 -14.77 19.62 25.60
N ARG A 113 -16.07 19.35 25.67
CA ARG A 113 -17.00 20.13 26.50
C ARG A 113 -16.48 20.34 27.92
N ASN A 114 -15.95 19.28 28.52
CA ASN A 114 -15.49 19.36 29.90
C ASN A 114 -14.28 20.25 30.12
N ILE A 115 -13.43 20.42 29.11
CA ILE A 115 -12.23 21.27 29.25
C ILE A 115 -12.29 22.56 28.43
N ASP A 116 -13.05 22.59 27.34
CA ASP A 116 -13.06 23.75 26.41
C ASP A 116 -14.30 24.64 26.47
N ALA A 117 -15.27 24.27 27.31
CA ALA A 117 -16.50 25.06 27.50
C ALA A 117 -16.62 25.41 28.96
N THR A 118 -17.31 26.50 29.24
CA THR A 118 -17.60 26.89 30.63
C THR A 118 -19.04 27.38 30.75
N SER A 119 -19.48 27.60 31.98
CA SER A 119 -20.84 28.09 32.25
C SER A 119 -21.11 29.44 31.60
N THR A 120 -20.10 30.32 31.59
CA THR A 120 -20.23 31.69 31.06
C THR A 120 -19.72 31.84 29.63
N GLY A 121 -19.22 30.76 29.05
CA GLY A 121 -18.68 30.74 27.69
C GLY A 121 -17.17 30.94 27.62
N ASN A 122 -16.47 29.93 27.10
CA ASN A 122 -15.06 30.07 26.74
C ASN A 122 -14.95 30.67 25.34
N TYR A 123 -14.35 31.87 25.28
CA TYR A 123 -14.22 32.63 24.03
C TYR A 123 -12.78 32.71 23.48
N ASN A 124 -11.85 32.00 24.12
CA ASN A 124 -10.43 31.95 23.72
C ASN A 124 -10.12 31.36 22.32
N TYR A 125 -11.03 30.56 21.78
CA TYR A 125 -10.80 29.92 20.48
C TYR A 125 -11.46 30.72 19.38
N LYS A 126 -10.81 30.79 18.23
CA LYS A 126 -11.22 31.64 17.12
C LYS A 126 -11.14 30.88 15.80
N TYR A 127 -11.84 31.42 14.80
CA TYR A 127 -11.72 31.01 13.42
C TYR A 127 -11.80 32.27 12.55
N ARG A 128 -11.37 32.16 11.29
CA ARG A 128 -11.52 33.20 10.26
C ARG A 128 -12.76 32.92 9.43
N TYR A 129 -13.52 33.97 9.10
CA TYR A 129 -14.76 33.83 8.31
C TYR A 129 -14.71 34.57 6.99
N LEU A 130 -13.74 35.47 6.85
CA LEU A 130 -13.53 36.22 5.60
C LEU A 130 -12.09 36.07 5.12
N ARG A 131 -11.93 35.88 3.81
CA ARG A 131 -10.60 35.86 3.18
C ARG A 131 -10.74 36.09 1.69
N HIS A 132 -9.70 36.67 1.09
CA HIS A 132 -9.66 36.83 -0.36
C HIS A 132 -9.07 35.58 -0.97
N GLY A 133 -9.95 34.64 -1.29
CA GLY A 133 -9.56 33.35 -1.84
C GLY A 133 -9.54 32.28 -0.78
N LYS A 134 -9.73 31.04 -1.22
CA LYS A 134 -9.67 29.89 -0.35
C LYS A 134 -8.23 29.47 -0.11
N LEU A 135 -7.99 28.87 1.06
CA LEU A 135 -6.66 28.35 1.36
C LEU A 135 -6.33 27.15 0.47
N ARG A 136 -5.05 26.99 0.15
CA ARG A 136 -4.55 25.75 -0.43
C ARG A 136 -4.45 24.73 0.71
N PRO A 137 -4.45 23.42 0.39
CA PRO A 137 -4.22 22.43 1.41
C PRO A 137 -2.99 22.69 2.27
N PHE A 138 -3.18 22.66 3.58
CA PHE A 138 -2.14 22.81 4.59
C PHE A 138 -1.56 24.24 4.67
N GLU A 139 -2.21 25.18 3.98
CA GLU A 139 -1.88 26.59 4.08
C GLU A 139 -2.46 27.12 5.39
N ARG A 140 -1.84 28.17 5.90
CA ARG A 140 -2.17 28.72 7.19
C ARG A 140 -2.10 30.25 7.08
N ASP A 141 -3.11 30.91 7.63
CA ASP A 141 -3.19 32.37 7.62
C ASP A 141 -3.42 32.81 9.06
N ILE A 142 -2.43 33.44 9.68
CA ILE A 142 -2.59 33.96 11.04
C ILE A 142 -2.61 35.51 11.06
N SER A 143 -3.01 36.11 9.95
CA SER A 143 -3.11 37.55 9.79
C SER A 143 -4.42 38.07 10.37
N ASN A 144 -4.40 39.34 10.77
CA ASN A 144 -5.57 40.01 11.30
C ASN A 144 -5.63 41.41 10.70
N VAL A 145 -6.11 41.47 9.46
CA VAL A 145 -6.11 42.66 8.63
C VAL A 145 -7.57 42.90 8.25
N PRO A 146 -8.05 44.14 8.31
CA PRO A 146 -9.44 44.37 7.94
C PRO A 146 -9.77 43.97 6.51
N PHE A 147 -10.93 43.34 6.34
CA PHE A 147 -11.34 42.79 5.07
C PHE A 147 -12.42 43.68 4.47
N SER A 148 -12.35 43.88 3.16
CA SER A 148 -13.42 44.51 2.42
C SER A 148 -13.57 43.82 1.06
N PRO A 149 -14.81 43.57 0.62
CA PRO A 149 -15.11 42.88 -0.65
C PRO A 149 -14.29 43.34 -1.83
N ASP A 150 -14.14 44.65 -1.98
CA ASP A 150 -13.41 45.24 -3.10
C ASP A 150 -11.91 45.40 -2.83
N GLY A 151 -11.48 45.00 -1.64
CA GLY A 151 -10.05 44.93 -1.30
C GLY A 151 -9.35 46.26 -1.08
N LYS A 152 -10.13 47.34 -0.97
CA LYS A 152 -9.58 48.66 -0.68
C LYS A 152 -9.40 48.79 0.83
N PRO A 153 -8.32 49.47 1.28
CA PRO A 153 -8.09 49.58 2.73
C PRO A 153 -9.18 50.38 3.46
N CYS A 154 -9.42 50.01 4.70
CA CYS A 154 -10.48 50.61 5.48
C CYS A 154 -10.31 50.27 6.97
N THR A 155 -10.93 51.05 7.84
CA THR A 155 -10.93 50.78 9.29
C THR A 155 -12.36 50.51 9.79
N PRO A 156 -12.60 49.32 10.34
CA PRO A 156 -13.89 49.10 11.03
C PRO A 156 -14.08 50.04 12.26
N PRO A 157 -15.33 50.41 12.57
CA PRO A 157 -16.52 50.01 11.85
C PRO A 157 -16.75 50.91 10.63
N ALA A 158 -17.13 50.31 9.52
CA ALA A 158 -17.42 51.05 8.29
C ALA A 158 -18.18 50.17 7.30
N LEU A 159 -18.96 50.81 6.42
CA LEU A 159 -19.67 50.11 5.35
C LEU A 159 -18.72 49.17 4.63
N ASN A 160 -19.10 47.89 4.51
CA ASN A 160 -18.33 46.89 3.77
C ASN A 160 -16.87 46.73 4.24
N CYS A 161 -16.62 46.92 5.53
CA CYS A 161 -15.29 46.76 6.12
C CYS A 161 -15.47 45.90 7.34
N TYR A 162 -14.69 44.83 7.43
CA TYR A 162 -14.89 43.79 8.43
C TYR A 162 -13.56 43.34 9.04
N TRP A 163 -13.59 43.00 10.32
CA TRP A 163 -12.50 42.24 10.91
C TRP A 163 -12.77 40.78 10.61
N PRO A 164 -11.74 40.05 10.14
CA PRO A 164 -11.94 38.71 9.59
C PRO A 164 -12.01 37.55 10.62
N LEU A 165 -11.75 37.82 11.89
CA LEU A 165 -11.75 36.76 12.89
C LEU A 165 -12.99 36.84 13.79
N ASN A 166 -13.59 35.69 14.07
CA ASN A 166 -14.68 35.54 15.06
C ASN A 166 -14.20 34.66 16.20
N ASP A 167 -14.96 34.64 17.29
CA ASP A 167 -14.76 33.68 18.38
C ASP A 167 -15.75 32.55 18.29
N TYR A 168 -15.29 31.34 18.58
CA TYR A 168 -16.20 30.31 19.04
C TYR A 168 -16.62 30.72 20.46
N GLY A 169 -17.91 30.56 20.76
CA GLY A 169 -18.42 30.66 22.12
C GLY A 169 -18.83 29.29 22.62
N PHE A 170 -18.08 28.75 23.56
CA PHE A 170 -18.28 27.37 24.01
C PHE A 170 -18.88 27.31 25.40
N TYR A 171 -20.14 26.86 25.48
CA TYR A 171 -20.90 26.77 26.73
C TYR A 171 -21.22 25.32 27.05
N THR A 172 -21.36 25.05 28.35
CA THR A 172 -21.77 23.76 28.89
C THR A 172 -23.29 23.50 28.78
N THR A 173 -24.01 24.50 28.32
CA THR A 173 -25.47 24.44 28.15
C THR A 173 -25.90 24.03 26.74
N THR A 174 -25.06 24.23 25.73
CA THR A 174 -25.45 24.01 24.33
C THR A 174 -25.27 22.55 23.88
N GLY A 175 -25.93 22.20 22.77
CA GLY A 175 -25.89 20.83 22.24
C GLY A 175 -24.57 20.50 21.58
N ILE A 176 -24.32 19.21 21.30
CA ILE A 176 -23.02 18.77 20.74
C ILE A 176 -22.54 19.57 19.52
N GLY A 177 -23.47 19.98 18.66
CA GLY A 177 -23.18 20.78 17.47
C GLY A 177 -22.47 22.10 17.75
N TYR A 178 -22.80 22.73 18.88
CA TYR A 178 -22.14 23.96 19.33
C TYR A 178 -21.10 23.72 20.41
N GLN A 179 -20.83 22.46 20.75
CA GLN A 179 -19.82 22.13 21.76
C GLN A 179 -18.44 22.07 21.11
N PRO A 180 -17.37 22.22 21.94
CA PRO A 180 -15.99 22.16 21.44
C PRO A 180 -15.46 20.75 21.09
N TYR A 181 -14.73 20.67 19.98
CA TYR A 181 -14.04 19.45 19.57
C TYR A 181 -12.59 19.74 19.29
N ARG A 182 -11.71 19.06 20.00
CA ARG A 182 -10.30 19.05 19.67
C ARG A 182 -10.12 18.11 18.49
N VAL A 183 -9.29 18.52 17.53
CA VAL A 183 -9.07 17.76 16.32
C VAL A 183 -7.58 17.58 16.08
N VAL A 184 -7.19 16.36 15.70
CA VAL A 184 -5.83 16.08 15.32
C VAL A 184 -5.83 15.41 13.96
N VAL A 185 -5.07 15.98 13.03
CA VAL A 185 -4.88 15.41 11.72
C VAL A 185 -3.47 14.85 11.64
N LEU A 186 -3.39 13.56 11.31
CA LEU A 186 -2.12 12.86 11.15
C LEU A 186 -1.78 12.70 9.68
N SER A 187 -0.60 13.18 9.29
CA SER A 187 -0.03 12.92 7.98
C SER A 187 1.21 12.08 8.21
N PHE A 188 1.34 10.99 7.46
CA PHE A 188 2.45 10.05 7.62
C PHE A 188 3.43 10.23 6.48
N GLU A 189 4.72 10.26 6.81
CA GLU A 189 5.78 10.41 5.82
C GLU A 189 6.74 9.25 5.97
N LEU A 190 6.65 8.29 5.04
CA LEU A 190 7.49 7.08 5.08
C LEU A 190 8.97 7.43 5.04
N LEU A 191 9.74 6.82 5.94
CA LEU A 191 11.19 6.98 5.99
C LEU A 191 11.87 5.96 5.07
N ASN A 192 12.64 6.46 4.11
CA ASN A 192 13.44 5.62 3.22
C ASN A 192 14.84 5.40 3.80
N ALA A 193 15.38 4.19 3.59
CA ALA A 193 16.69 3.79 4.13
C ALA A 193 17.95 4.25 3.36
N PRO A 194 17.95 4.21 1.99
CA PRO A 194 19.22 4.39 1.23
C PRO A 194 19.88 5.78 1.33
N ALA A 195 21.15 5.86 0.91
CA ALA A 195 22.01 7.03 1.16
C ALA A 195 21.91 8.13 0.09
N THR A 196 22.34 9.34 0.45
CA THR A 196 22.24 10.51 -0.43
C THR A 196 23.62 11.12 -0.71
N GLU B 3 -39.58 24.99 9.23
CA GLU B 3 -39.50 26.34 9.86
C GLU B 3 -39.69 26.26 11.38
N VAL B 4 -38.78 26.88 12.11
CA VAL B 4 -38.77 26.83 13.57
C VAL B 4 -39.89 27.71 14.12
N GLN B 5 -40.68 27.16 15.03
CA GLN B 5 -41.81 27.89 15.58
C GLN B 5 -41.86 27.79 17.09
N LEU B 6 -42.09 28.93 17.73
CA LEU B 6 -42.16 29.04 19.19
C LEU B 6 -43.41 29.80 19.57
N VAL B 7 -44.37 29.10 20.15
CA VAL B 7 -45.64 29.69 20.52
C VAL B 7 -45.74 29.72 22.04
N GLN B 8 -45.86 30.94 22.56
CA GLN B 8 -45.93 31.20 23.98
C GLN B 8 -47.37 31.30 24.49
N SER B 9 -47.54 31.03 25.78
CA SER B 9 -48.82 31.23 26.46
C SER B 9 -48.62 31.47 27.95
N GLY B 10 -49.62 32.07 28.60
CA GLY B 10 -49.61 32.30 30.05
C GLY B 10 -49.24 33.69 30.55
N GLY B 11 -49.65 34.73 29.82
CA GLY B 11 -49.46 36.10 30.31
C GLY B 11 -50.45 36.52 31.38
N GLY B 12 -50.95 37.76 31.27
CA GLY B 12 -51.98 38.26 32.16
C GLY B 12 -51.44 39.12 33.28
N VAL B 13 -52.37 39.78 33.98
CA VAL B 13 -52.04 40.72 35.05
C VAL B 13 -52.13 40.02 36.42
N VAL B 14 -51.09 40.15 37.24
CA VAL B 14 -51.12 39.69 38.64
C VAL B 14 -50.78 40.82 39.61
N GLN B 15 -50.98 40.56 40.91
CA GLN B 15 -50.60 41.49 41.95
C GLN B 15 -49.21 41.13 42.48
N PRO B 16 -48.50 42.11 43.08
CA PRO B 16 -47.18 41.85 43.69
C PRO B 16 -47.14 40.70 44.71
N GLY B 17 -46.09 39.91 44.67
CA GLY B 17 -45.94 38.73 45.52
C GLY B 17 -46.62 37.47 45.00
N LYS B 18 -47.36 37.58 43.90
CA LYS B 18 -48.05 36.43 43.28
C LYS B 18 -47.11 35.68 42.33
N SER B 19 -47.58 34.56 41.80
CA SER B 19 -46.79 33.73 40.91
C SER B 19 -47.49 33.45 39.58
N LEU B 20 -46.68 33.22 38.55
CA LEU B 20 -47.16 32.83 37.22
C LEU B 20 -46.18 31.84 36.58
N ARG B 21 -46.70 31.03 35.66
CA ARG B 21 -45.89 30.16 34.81
C ARG B 21 -46.10 30.53 33.35
N LEU B 22 -45.00 30.73 32.63
CA LEU B 22 -45.03 30.97 31.19
C LEU B 22 -44.67 29.66 30.46
N SER B 23 -45.33 29.42 29.32
CA SER B 23 -45.08 28.24 28.51
C SER B 23 -44.55 28.68 27.16
N CYS B 24 -43.75 27.84 26.54
CA CYS B 24 -43.25 28.04 25.19
C CYS B 24 -43.17 26.68 24.50
N ALA B 25 -44.13 26.43 23.60
CA ALA B 25 -44.18 25.20 22.82
C ALA B 25 -43.34 25.36 21.56
N ALA B 26 -42.40 24.44 21.35
CA ALA B 26 -41.50 24.48 20.19
C ALA B 26 -41.91 23.50 19.10
N SER B 27 -41.72 23.89 17.85
CA SER B 27 -41.90 22.97 16.74
C SER B 27 -40.99 23.34 15.57
N GLY B 28 -40.88 22.42 14.62
CA GLY B 28 -40.04 22.60 13.43
C GLY B 28 -38.54 22.46 13.68
N PHE B 29 -38.16 21.86 14.80
CA PHE B 29 -36.76 21.58 15.10
C PHE B 29 -36.57 20.59 16.26
N ALA B 30 -35.36 20.04 16.35
CA ALA B 30 -35.03 19.06 17.39
C ALA B 30 -34.84 19.76 18.72
N PHE B 31 -35.95 20.18 19.33
CA PHE B 31 -35.97 20.92 20.59
C PHE B 31 -34.93 20.44 21.61
N SER B 32 -34.79 19.12 21.74
CA SER B 32 -33.92 18.50 22.73
C SER B 32 -32.40 18.72 22.52
N SER B 33 -32.03 19.30 21.37
CA SER B 33 -30.63 19.53 21.01
C SER B 33 -30.12 20.95 21.31
N TYR B 34 -31.06 21.86 21.59
CA TYR B 34 -30.78 23.27 21.77
C TYR B 34 -31.03 23.73 23.19
N ALA B 35 -30.18 24.63 23.68
CA ALA B 35 -30.47 25.40 24.87
C ALA B 35 -31.61 26.35 24.52
N MET B 36 -32.34 26.78 25.55
CA MET B 36 -33.44 27.71 25.38
C MET B 36 -33.29 28.81 26.42
N HIS B 37 -33.54 30.05 26.00
CA HIS B 37 -33.41 31.23 26.83
C HIS B 37 -34.77 31.90 27.08
N TRP B 38 -34.85 32.65 28.16
CA TRP B 38 -35.90 33.64 28.40
C TRP B 38 -35.28 35.03 28.36
N VAL B 39 -35.94 35.94 27.63
CA VAL B 39 -35.59 37.36 27.61
C VAL B 39 -36.88 38.18 27.78
N ARG B 40 -36.76 39.35 28.42
CA ARG B 40 -37.93 40.18 28.70
C ARG B 40 -37.74 41.65 28.35
N GLN B 41 -38.86 42.33 28.11
CA GLN B 41 -38.83 43.73 27.74
C GLN B 41 -39.88 44.54 28.51
N ALA B 42 -39.40 45.35 29.44
CA ALA B 42 -40.26 46.22 30.23
C ALA B 42 -40.88 47.27 29.31
N PRO B 43 -42.13 47.68 29.61
CA PRO B 43 -42.91 48.62 28.80
C PRO B 43 -42.10 49.82 28.28
N GLY B 44 -41.98 49.91 26.95
CA GLY B 44 -41.31 51.03 26.31
C GLY B 44 -39.80 51.12 26.54
N LYS B 45 -39.16 50.00 26.92
CA LYS B 45 -37.71 49.99 27.19
C LYS B 45 -36.98 48.87 26.43
N GLY B 46 -35.70 48.63 26.79
CA GLY B 46 -34.86 47.63 26.12
C GLY B 46 -34.98 46.18 26.61
N LEU B 47 -34.35 45.26 25.89
CA LEU B 47 -34.44 43.83 26.19
C LEU B 47 -33.43 43.44 27.26
N GLU B 48 -33.84 42.60 28.20
CA GLU B 48 -32.97 42.12 29.27
C GLU B 48 -32.96 40.60 29.27
N TRP B 49 -31.79 40.01 29.51
CA TRP B 49 -31.66 38.57 29.52
C TRP B 49 -32.09 38.03 30.89
N VAL B 50 -32.98 37.04 30.90
CA VAL B 50 -33.53 36.48 32.15
C VAL B 50 -32.86 35.17 32.55
N ALA B 51 -32.99 34.16 31.71
CA ALA B 51 -32.53 32.82 32.06
C ALA B 51 -32.23 31.93 30.85
N VAL B 52 -31.40 30.92 31.09
CA VAL B 52 -31.07 29.91 30.08
C VAL B 52 -31.12 28.51 30.71
N ILE B 53 -31.66 27.56 29.96
CA ILE B 53 -31.63 26.15 30.32
C ILE B 53 -30.85 25.36 29.26
N SER B 54 -30.10 24.36 29.69
CA SER B 54 -29.36 23.53 28.75
C SER B 54 -30.30 22.64 27.93
N TYR B 55 -29.76 22.12 26.83
CA TYR B 55 -30.48 21.23 25.92
C TYR B 55 -31.19 20.07 26.63
N ASP B 56 -30.57 19.53 27.67
CA ASP B 56 -31.11 18.37 28.38
C ASP B 56 -31.75 18.69 29.75
N GLY B 57 -31.76 19.98 30.11
CA GLY B 57 -32.47 20.45 31.30
C GLY B 57 -31.73 20.31 32.62
N SER B 58 -30.45 19.94 32.58
CA SER B 58 -29.67 19.67 33.79
C SER B 58 -28.94 20.92 34.31
N ASN B 59 -28.54 21.80 33.39
CA ASN B 59 -27.90 23.09 33.72
C ASN B 59 -28.90 24.24 33.56
N LYS B 60 -28.92 25.14 34.55
CA LYS B 60 -29.80 26.31 34.53
C LYS B 60 -29.07 27.55 35.07
N TYR B 61 -29.20 28.67 34.37
CA TYR B 61 -28.52 29.92 34.75
C TYR B 61 -29.45 31.14 34.64
N TYR B 62 -29.30 32.07 35.58
CA TYR B 62 -30.26 33.17 35.77
C TYR B 62 -29.56 34.50 35.92
N ALA B 63 -30.17 35.54 35.37
CA ALA B 63 -29.72 36.92 35.64
C ALA B 63 -29.85 37.17 37.13
N ASP B 64 -28.93 37.95 37.70
CA ASP B 64 -28.94 38.28 39.13
C ASP B 64 -30.29 38.81 39.63
N SER B 65 -30.94 39.62 38.81
CA SER B 65 -32.19 40.31 39.15
C SER B 65 -33.39 39.40 39.46
N VAL B 66 -33.47 38.26 38.78
CA VAL B 66 -34.57 37.30 38.96
C VAL B 66 -34.12 36.00 39.64
N LYS B 67 -32.83 35.94 39.95
CA LYS B 67 -32.20 34.78 40.56
C LYS B 67 -32.84 34.50 41.92
N GLY B 68 -33.22 33.24 42.14
CA GLY B 68 -33.78 32.80 43.41
C GLY B 68 -35.30 32.77 43.47
N ARG B 69 -35.96 33.34 42.46
CA ARG B 69 -37.43 33.35 42.42
C ARG B 69 -38.03 33.07 41.03
N PHE B 70 -37.18 33.02 40.01
CA PHE B 70 -37.60 32.53 38.70
C PHE B 70 -36.90 31.18 38.54
N THR B 71 -37.67 30.17 38.13
CA THR B 71 -37.15 28.84 37.82
C THR B 71 -37.47 28.51 36.36
N ILE B 72 -36.42 28.30 35.56
CA ILE B 72 -36.57 27.89 34.16
C ILE B 72 -36.58 26.35 34.14
N SER B 73 -37.38 25.78 33.25
CA SER B 73 -37.49 24.35 33.09
C SER B 73 -37.98 24.02 31.69
N ARG B 74 -37.84 22.75 31.31
CA ARG B 74 -38.31 22.28 30.03
C ARG B 74 -38.81 20.85 30.12
N ASP B 75 -39.75 20.51 29.25
CA ASP B 75 -40.22 19.14 29.09
C ASP B 75 -39.92 18.71 27.65
N ASN B 76 -38.93 17.82 27.51
CA ASN B 76 -38.40 17.46 26.19
C ASN B 76 -39.26 16.49 25.40
N SER B 77 -40.19 15.81 26.09
CA SER B 77 -41.20 15.00 25.45
C SER B 77 -42.31 15.87 24.85
N LYS B 78 -42.71 16.92 25.58
CA LYS B 78 -43.73 17.86 25.11
C LYS B 78 -43.18 18.97 24.20
N ASN B 79 -41.85 19.06 24.09
CA ASN B 79 -41.17 20.14 23.37
C ASN B 79 -41.60 21.50 23.91
N THR B 80 -41.59 21.61 25.24
CA THR B 80 -42.05 22.80 25.91
C THR B 80 -41.01 23.30 26.90
N LEU B 81 -40.86 24.62 26.93
CA LEU B 81 -40.02 25.34 27.86
C LEU B 81 -40.96 26.11 28.77
N TYR B 82 -40.56 26.23 30.04
CA TYR B 82 -41.36 26.94 31.02
C TYR B 82 -40.53 27.96 31.78
N LEU B 83 -41.22 28.94 32.36
CA LEU B 83 -40.62 29.82 33.37
C LEU B 83 -41.61 29.98 34.52
N GLN B 84 -41.22 29.48 35.69
CA GLN B 84 -41.99 29.69 36.90
C GLN B 84 -41.52 30.99 37.54
N MET B 85 -42.39 31.99 37.55
CA MET B 85 -42.09 33.31 38.08
C MET B 85 -42.81 33.47 39.41
N ASN B 86 -42.08 33.25 40.50
CA ASN B 86 -42.63 33.37 41.85
C ASN B 86 -42.31 34.72 42.49
N SER B 87 -43.15 35.13 43.43
CA SER B 87 -42.93 36.33 44.24
C SER B 87 -42.65 37.57 43.37
N LEU B 88 -43.55 37.84 42.44
CA LEU B 88 -43.37 38.90 41.44
C LEU B 88 -43.39 40.32 42.01
N ARG B 89 -42.51 41.17 41.50
CA ARG B 89 -42.50 42.59 41.85
C ARG B 89 -42.90 43.44 40.65
N ALA B 90 -43.11 44.73 40.91
CA ALA B 90 -43.37 45.71 39.85
C ALA B 90 -42.23 45.75 38.83
N GLU B 91 -40.99 45.54 39.28
CA GLU B 91 -39.82 45.49 38.39
C GLU B 91 -39.88 44.37 37.36
N ASP B 92 -40.71 43.35 37.59
CA ASP B 92 -40.84 42.21 36.66
C ASP B 92 -41.83 42.44 35.51
N THR B 93 -42.57 43.55 35.53
CA THR B 93 -43.54 43.83 34.48
C THR B 93 -42.82 43.95 33.15
N ALA B 94 -43.18 43.08 32.22
CA ALA B 94 -42.45 42.96 30.96
C ALA B 94 -43.22 42.10 29.99
N VAL B 95 -42.91 42.25 28.70
CA VAL B 95 -43.21 41.23 27.71
C VAL B 95 -42.08 40.21 27.84
N TYR B 96 -42.44 38.94 28.02
CA TYR B 96 -41.46 37.87 28.10
C TYR B 96 -41.40 37.08 26.79
N TYR B 97 -40.17 36.70 26.44
CA TYR B 97 -39.85 36.01 25.19
C TYR B 97 -39.04 34.77 25.48
N CYS B 98 -39.46 33.67 24.87
CA CYS B 98 -38.60 32.50 24.74
C CYS B 98 -37.85 32.63 23.43
N ALA B 99 -36.63 32.12 23.41
CA ALA B 99 -35.76 32.24 22.26
C ALA B 99 -34.86 31.01 22.15
N ARG B 100 -34.73 30.47 20.94
CA ARG B 100 -33.79 29.38 20.69
C ARG B 100 -32.35 29.87 20.73
N ASP B 101 -31.50 29.09 21.39
CA ASP B 101 -30.08 29.40 21.55
C ASP B 101 -29.32 29.18 20.25
N ARG B 102 -28.50 30.18 19.89
CA ARG B 102 -27.43 30.03 18.91
C ARG B 102 -26.15 30.40 19.64
N SER B 103 -25.74 29.50 20.54
CA SER B 103 -24.64 29.71 21.49
C SER B 103 -24.58 31.16 22.04
N TYR B 104 -25.68 31.53 22.69
CA TYR B 104 -25.94 32.83 23.36
C TYR B 104 -26.15 34.06 22.47
N TYR B 105 -26.35 33.82 21.17
CA TYR B 105 -27.20 34.67 20.33
C TYR B 105 -28.57 33.97 20.25
N LEU B 106 -29.60 34.69 19.84
CA LEU B 106 -30.95 34.16 19.88
C LEU B 106 -31.57 34.20 18.47
N ASP B 107 -31.67 33.04 17.83
CA ASP B 107 -31.97 32.98 16.40
C ASP B 107 -33.46 32.80 16.03
N TYR B 108 -34.26 32.40 17.01
CA TYR B 108 -35.69 32.22 16.81
C TYR B 108 -36.40 32.60 18.10
N TRP B 109 -37.47 33.37 17.98
CA TRP B 109 -38.14 33.98 19.13
C TRP B 109 -39.63 33.68 19.14
N GLY B 110 -40.19 33.43 20.32
CA GLY B 110 -41.64 33.32 20.46
C GLY B 110 -42.29 34.68 20.32
N GLN B 111 -43.62 34.70 20.23
CA GLN B 111 -44.35 35.95 19.95
C GLN B 111 -44.32 36.96 21.11
N GLY B 112 -44.02 36.46 22.31
CA GLY B 112 -44.01 37.28 23.51
C GLY B 112 -45.31 37.16 24.27
N THR B 113 -45.22 37.17 25.61
CA THR B 113 -46.39 37.26 26.47
C THR B 113 -46.18 38.37 27.50
N LEU B 114 -47.15 39.29 27.58
CA LEU B 114 -47.09 40.37 28.55
C LEU B 114 -47.43 39.84 29.95
N VAL B 115 -46.63 40.26 30.91
CA VAL B 115 -46.83 39.96 32.32
C VAL B 115 -46.91 41.30 33.05
N THR B 116 -48.08 41.63 33.60
CA THR B 116 -48.26 42.90 34.31
C THR B 116 -48.38 42.66 35.82
N VAL B 117 -47.37 43.09 36.56
CA VAL B 117 -47.35 42.96 38.01
C VAL B 117 -47.59 44.34 38.60
N SER B 118 -48.85 44.77 38.60
CA SER B 118 -49.19 46.14 38.94
C SER B 118 -50.54 46.22 39.65
N SER B 119 -50.50 46.47 40.95
CA SER B 119 -51.63 47.07 41.66
C SER B 119 -51.16 47.78 42.92
N GLY B 120 -50.07 47.29 43.51
CA GLY B 120 -49.50 47.91 44.69
C GLY B 120 -49.08 49.34 44.46
N GLY B 121 -47.87 49.52 43.93
CA GLY B 121 -47.01 48.39 43.56
C GLY B 121 -47.18 48.00 42.11
N SER B 134 -20.77 45.49 37.17
CA SER B 134 -19.78 45.06 36.17
C SER B 134 -20.35 44.44 34.87
N GLU B 135 -21.66 44.57 34.65
CA GLU B 135 -22.26 44.15 33.38
C GLU B 135 -21.71 45.00 32.23
N THR B 136 -21.60 44.42 31.04
CA THR B 136 -21.18 45.18 29.86
C THR B 136 -22.38 45.97 29.33
N THR B 137 -22.21 47.29 29.26
CA THR B 137 -23.26 48.21 28.81
C THR B 137 -23.11 48.50 27.31
N LEU B 138 -24.21 48.41 26.58
CA LEU B 138 -24.23 48.67 25.14
C LEU B 138 -24.98 49.96 24.83
N THR B 139 -24.25 51.01 24.45
CA THR B 139 -24.84 52.32 24.21
C THR B 139 -25.06 52.56 22.73
N GLN B 140 -26.33 52.55 22.32
CA GLN B 140 -26.70 52.77 20.93
C GLN B 140 -26.93 54.25 20.64
N SER B 141 -26.47 54.70 19.48
CA SER B 141 -26.71 56.09 19.01
C SER B 141 -26.89 56.17 17.47
N PRO B 142 -27.78 57.06 17.00
CA PRO B 142 -28.66 57.92 17.76
C PRO B 142 -29.83 57.13 18.34
N ALA B 143 -30.60 57.76 19.23
CA ALA B 143 -31.79 57.14 19.79
C ALA B 143 -32.83 56.88 18.70
N THR B 144 -33.04 57.88 17.85
CA THR B 144 -33.85 57.72 16.65
C THR B 144 -33.08 58.21 15.43
N LEU B 145 -33.52 57.75 14.27
CA LEU B 145 -32.91 58.08 13.02
C LEU B 145 -34.06 58.20 12.04
N SER B 146 -34.30 59.41 11.56
CA SER B 146 -35.49 59.68 10.75
C SER B 146 -35.10 59.79 9.27
N LEU B 147 -35.44 58.76 8.49
CA LEU B 147 -35.02 58.67 7.09
C LEU B 147 -36.20 58.30 6.18
N SER B 148 -35.99 58.43 4.87
CA SER B 148 -36.98 58.06 3.87
C SER B 148 -36.50 56.80 3.18
N PRO B 149 -37.43 56.04 2.56
CA PRO B 149 -36.99 54.90 1.74
C PRO B 149 -35.91 55.23 0.72
N GLY B 150 -34.99 54.29 0.52
CA GLY B 150 -33.88 54.46 -0.40
C GLY B 150 -32.64 55.10 0.20
N GLU B 151 -32.72 55.56 1.45
CA GLU B 151 -31.62 56.24 2.12
C GLU B 151 -30.87 55.23 2.98
N ARG B 152 -29.72 55.65 3.49
CA ARG B 152 -28.86 54.75 4.22
C ARG B 152 -28.97 55.07 5.69
N ALA B 153 -29.33 54.08 6.50
CA ALA B 153 -29.28 54.21 7.96
C ALA B 153 -27.95 53.67 8.50
N THR B 154 -27.27 54.47 9.33
CA THR B 154 -26.05 54.04 10.01
C THR B 154 -26.24 54.15 11.52
N LEU B 155 -26.32 52.98 12.16
CA LEU B 155 -26.61 52.84 13.59
C LEU B 155 -25.34 52.46 14.33
N SER B 156 -25.13 53.00 15.53
CA SER B 156 -23.93 52.74 16.30
C SER B 156 -24.24 52.06 17.64
N CYS B 157 -23.25 51.34 18.17
CA CYS B 157 -23.38 50.59 19.41
C CYS B 157 -21.99 50.53 20.04
N ARG B 158 -21.78 51.35 21.06
CA ARG B 158 -20.50 51.38 21.74
C ARG B 158 -20.68 50.58 23.01
N ALA B 159 -19.81 49.58 23.22
CA ALA B 159 -19.84 48.71 24.40
C ALA B 159 -18.87 49.25 25.44
N SER B 160 -19.21 49.05 26.73
CA SER B 160 -18.43 49.60 27.84
C SER B 160 -17.08 48.87 28.00
N GLN B 161 -17.10 47.55 27.81
CA GLN B 161 -15.90 46.72 27.76
C GLN B 161 -15.84 46.08 26.40
N SER B 162 -14.68 45.54 26.04
CA SER B 162 -14.52 44.82 24.78
C SER B 162 -15.37 43.54 24.78
N VAL B 163 -16.08 43.31 23.69
CA VAL B 163 -16.78 42.06 23.45
C VAL B 163 -16.16 41.31 22.26
N ARG B 164 -14.98 41.77 21.82
CA ARG B 164 -14.41 41.39 20.52
C ARG B 164 -15.45 41.52 19.40
N SER B 165 -15.70 40.44 18.65
CA SER B 165 -16.69 40.43 17.58
C SER B 165 -18.02 39.84 18.02
N ASN B 166 -18.19 39.66 19.33
CA ASN B 166 -19.34 38.92 19.85
C ASN B 166 -20.60 39.76 19.99
N LEU B 167 -20.95 40.45 18.89
CA LEU B 167 -22.14 41.28 18.86
C LEU B 167 -23.14 40.76 17.85
N ALA B 168 -24.42 40.83 18.20
CA ALA B 168 -25.48 40.49 17.27
C ALA B 168 -26.46 41.67 17.23
N TRP B 169 -27.18 41.80 16.12
CA TRP B 169 -28.18 42.84 15.96
C TRP B 169 -29.52 42.18 15.72
N TYR B 170 -30.59 42.82 16.21
CA TYR B 170 -31.97 42.35 16.08
C TYR B 170 -32.88 43.45 15.55
N GLN B 171 -33.93 43.07 14.83
CA GLN B 171 -34.94 44.00 14.32
C GLN B 171 -36.23 43.73 15.08
N GLN B 172 -36.79 44.77 15.70
CA GLN B 172 -38.08 44.67 16.39
C GLN B 172 -39.13 45.62 15.80
N LYS B 173 -40.20 45.06 15.24
CA LYS B 173 -41.35 45.85 14.79
C LYS B 173 -42.24 46.14 16.01
N PRO B 174 -43.04 47.24 15.98
CA PRO B 174 -43.79 47.66 17.16
C PRO B 174 -44.68 46.57 17.77
N GLY B 175 -44.36 46.22 19.02
CA GLY B 175 -45.10 45.20 19.75
C GLY B 175 -44.83 43.76 19.34
N GLN B 176 -43.90 43.55 18.40
CA GLN B 176 -43.63 42.21 17.89
C GLN B 176 -42.27 41.71 18.38
N ALA B 177 -42.04 40.41 18.19
CA ALA B 177 -40.85 39.76 18.74
C ALA B 177 -39.61 40.18 17.98
N PRO B 178 -38.45 40.30 18.69
CA PRO B 178 -37.21 40.61 17.99
C PRO B 178 -36.79 39.50 17.05
N ARG B 179 -36.05 39.91 16.04
CA ARG B 179 -35.74 39.06 14.90
C ARG B 179 -34.27 39.29 14.62
N PRO B 180 -33.47 38.22 14.58
CA PRO B 180 -32.03 38.40 14.37
C PRO B 180 -31.66 38.89 12.97
N LEU B 181 -30.77 39.88 12.90
CA LEU B 181 -30.25 40.39 11.63
C LEU B 181 -28.83 39.93 11.37
N ILE B 182 -27.98 40.08 12.38
CA ILE B 182 -26.56 39.88 12.26
C ILE B 182 -26.05 39.15 13.49
N TYR B 183 -25.17 38.18 13.26
CA TYR B 183 -24.38 37.53 14.32
C TYR B 183 -22.92 37.87 14.12
N ASP B 184 -22.16 37.81 15.20
CA ASP B 184 -20.72 38.00 15.17
C ASP B 184 -20.28 39.26 14.42
N ALA B 185 -20.94 40.37 14.74
CA ALA B 185 -20.59 41.69 14.21
C ALA B 185 -21.00 41.88 12.76
N SER B 186 -20.74 40.90 11.91
CA SER B 186 -20.79 41.10 10.46
C SER B 186 -21.50 40.03 9.62
N THR B 187 -21.81 38.87 10.20
CA THR B 187 -22.50 37.80 9.48
C THR B 187 -24.04 37.89 9.58
N ARG B 188 -24.70 37.97 8.42
CA ARG B 188 -26.17 38.02 8.35
C ARG B 188 -26.81 36.69 8.77
N ALA B 189 -27.94 36.80 9.47
CA ALA B 189 -28.78 35.64 9.80
C ALA B 189 -29.47 35.19 8.52
N THR B 190 -29.98 33.96 8.51
CA THR B 190 -30.61 33.42 7.29
C THR B 190 -31.79 34.27 6.90
N GLY B 191 -31.95 34.50 5.59
CA GLY B 191 -33.06 35.27 5.04
C GLY B 191 -32.83 36.79 4.98
N ILE B 192 -31.76 37.27 5.60
CA ILE B 192 -31.49 38.71 5.67
C ILE B 192 -30.77 39.21 4.43
N PRO B 193 -31.40 40.15 3.69
CA PRO B 193 -30.81 40.60 2.43
C PRO B 193 -29.51 41.37 2.67
N ASP B 194 -28.68 41.46 1.64
CA ASP B 194 -27.31 42.00 1.77
C ASP B 194 -27.24 43.53 1.93
N ARG B 195 -28.39 44.21 1.90
CA ARG B 195 -28.44 45.65 2.17
C ARG B 195 -28.19 45.96 3.65
N PHE B 196 -28.46 44.98 4.51
CA PHE B 196 -28.02 45.01 5.90
C PHE B 196 -26.56 44.58 5.95
N SER B 197 -25.74 45.35 6.65
CA SER B 197 -24.35 44.97 6.89
C SER B 197 -23.84 45.51 8.23
N GLY B 198 -23.10 44.69 8.95
CA GLY B 198 -22.55 45.06 10.23
C GLY B 198 -21.04 45.04 10.20
N SER B 199 -20.44 45.76 11.13
CA SER B 199 -19.00 45.94 11.16
C SER B 199 -18.53 46.28 12.56
N GLY B 200 -17.32 45.83 12.88
CA GLY B 200 -16.69 46.22 14.13
C GLY B 200 -16.18 45.04 14.92
N SER B 201 -15.20 45.32 15.75
CA SER B 201 -14.68 44.36 16.71
C SER B 201 -14.10 45.13 17.87
N GLY B 202 -14.47 44.73 19.07
CA GLY B 202 -14.03 45.37 20.29
C GLY B 202 -15.20 46.07 20.96
N THR B 203 -15.23 47.40 20.85
CA THR B 203 -16.27 48.21 21.46
C THR B 203 -17.08 49.04 20.46
N ASP B 204 -16.51 49.36 19.30
CA ASP B 204 -17.15 50.23 18.32
C ASP B 204 -17.77 49.42 17.19
N PHE B 205 -19.10 49.45 17.09
CA PHE B 205 -19.85 48.62 16.14
C PHE B 205 -20.86 49.43 15.36
N THR B 206 -21.04 49.11 14.09
CA THR B 206 -22.06 49.74 13.29
C THR B 206 -22.93 48.71 12.58
N LEU B 207 -24.17 49.11 12.32
CA LEU B 207 -25.11 48.40 11.46
C LEU B 207 -25.54 49.39 10.40
N THR B 208 -25.27 49.07 9.15
CA THR B 208 -25.65 49.90 8.03
C THR B 208 -26.81 49.21 7.32
N ILE B 209 -27.91 49.94 7.15
CA ILE B 209 -29.02 49.50 6.30
C ILE B 209 -29.02 50.44 5.10
N SER B 210 -28.52 49.96 3.97
CA SER B 210 -28.50 50.75 2.74
C SER B 210 -29.81 50.56 2.00
N ARG B 211 -30.15 51.50 1.13
CA ARG B 211 -31.36 51.40 0.30
C ARG B 211 -32.55 50.98 1.15
N LEU B 212 -32.85 51.78 2.17
CA LEU B 212 -33.94 51.50 3.12
C LEU B 212 -35.23 51.16 2.40
N GLU B 213 -35.88 50.10 2.86
CA GLU B 213 -37.15 49.63 2.33
C GLU B 213 -38.23 49.87 3.39
N PRO B 214 -39.49 50.07 2.96
CA PRO B 214 -40.63 50.23 3.88
C PRO B 214 -40.65 49.33 5.12
N GLU B 215 -40.22 48.08 4.96
CA GLU B 215 -40.24 47.09 6.05
C GLU B 215 -39.05 47.19 6.99
N ASP B 216 -38.10 48.09 6.70
CA ASP B 216 -36.87 48.24 7.49
C ASP B 216 -37.07 49.21 8.63
N PHE B 217 -38.19 49.92 8.61
CA PHE B 217 -38.48 50.87 9.66
C PHE B 217 -38.95 50.09 10.88
N ALA B 218 -38.16 50.20 11.94
CA ALA B 218 -38.28 49.33 13.09
C ALA B 218 -37.27 49.81 14.12
N VAL B 219 -37.27 49.18 15.29
CA VAL B 219 -36.25 49.42 16.29
C VAL B 219 -35.19 48.37 16.10
N TYR B 220 -33.93 48.77 16.29
CA TYR B 220 -32.81 47.88 16.12
C TYR B 220 -32.01 47.76 17.43
N TYR B 221 -31.74 46.53 17.85
CA TYR B 221 -31.08 46.24 19.11
C TYR B 221 -29.77 45.52 18.83
N CYS B 222 -28.69 46.00 19.45
CA CYS B 222 -27.43 45.28 19.45
C CYS B 222 -27.39 44.46 20.73
N GLN B 223 -26.71 43.30 20.67
CA GLN B 223 -26.56 42.40 21.81
C GLN B 223 -25.14 41.82 21.86
N GLN B 224 -24.54 41.79 23.05
CA GLN B 224 -23.29 41.07 23.27
C GLN B 224 -23.56 39.77 24.01
N ARG B 225 -22.82 38.74 23.64
CA ARG B 225 -22.95 37.42 24.26
C ARG B 225 -21.73 36.98 25.09
N SER B 226 -20.56 37.59 24.86
CA SER B 226 -19.32 37.06 25.42
C SER B 226 -19.01 37.44 26.87
N ASN B 227 -19.50 38.60 27.30
CA ASN B 227 -19.29 39.06 28.66
C ASN B 227 -20.58 38.80 29.47
N TRP B 228 -20.45 38.04 30.55
CA TRP B 228 -21.62 37.58 31.32
C TRP B 228 -22.21 38.67 32.23
N PRO B 229 -23.55 38.79 32.24
CA PRO B 229 -24.56 38.10 31.44
C PRO B 229 -24.79 38.77 30.08
N PRO B 230 -25.44 38.06 29.14
CA PRO B 230 -25.77 38.65 27.85
C PRO B 230 -26.59 39.94 28.04
N THR B 231 -26.21 41.00 27.33
CA THR B 231 -26.90 42.28 27.46
C THR B 231 -27.27 42.84 26.11
N PHE B 232 -28.29 43.70 26.12
CA PHE B 232 -28.79 44.39 24.94
C PHE B 232 -28.67 45.90 25.12
N GLY B 233 -28.47 46.60 24.00
CA GLY B 233 -28.60 48.06 24.00
C GLY B 233 -30.05 48.48 24.20
N GLN B 234 -30.26 49.78 24.37
CA GLN B 234 -31.60 50.32 24.56
C GLN B 234 -32.26 50.67 23.23
N GLY B 235 -31.57 50.45 22.12
CA GLY B 235 -32.18 50.46 20.79
C GLY B 235 -32.02 51.75 20.01
N THR B 236 -32.14 51.63 18.68
CA THR B 236 -32.26 52.79 17.80
C THR B 236 -33.50 52.55 16.96
N LYS B 237 -34.43 53.50 17.01
CA LYS B 237 -35.66 53.46 16.22
C LYS B 237 -35.37 54.08 14.87
N VAL B 238 -35.46 53.29 13.81
CA VAL B 238 -35.39 53.83 12.45
C VAL B 238 -36.82 54.07 12.02
N GLU B 239 -37.19 55.34 11.88
CA GLU B 239 -38.57 55.76 11.64
C GLU B 239 -38.66 56.54 10.34
N VAL B 240 -39.83 56.53 9.71
CA VAL B 240 -40.03 57.23 8.45
C VAL B 240 -39.97 58.74 8.70
N LYS B 241 -39.26 59.44 7.83
CA LYS B 241 -39.05 60.87 7.95
C LYS B 241 -40.35 61.59 7.71
N SER B 242 -40.90 62.17 8.78
CA SER B 242 -42.06 63.04 8.68
C SER B 242 -41.52 64.42 8.33
N GLY B 243 -42.18 65.11 7.42
CA GLY B 243 -41.64 66.39 6.97
C GLY B 243 -40.67 66.23 5.81
N LEU B 244 -41.09 66.71 4.63
CA LEU B 244 -40.23 66.72 3.46
C LEU B 244 -38.93 67.53 3.72
N VAL B 245 -37.91 67.32 2.88
CA VAL B 245 -36.56 67.83 3.19
C VAL B 245 -35.98 68.87 2.22
N PRO B 246 -36.63 70.05 2.09
CA PRO B 246 -36.08 71.13 1.27
C PRO B 246 -35.10 72.00 2.07
N ASN C 5 18.78 4.55 15.50
CA ASN C 5 17.57 4.85 14.69
C ASN C 5 16.77 3.61 14.26
N ILE C 6 17.25 2.41 14.61
CA ILE C 6 16.54 1.15 14.31
C ILE C 6 17.24 -0.06 14.98
N THR C 7 16.45 -0.92 15.63
CA THR C 7 16.98 -1.96 16.52
C THR C 7 17.02 -3.36 15.90
N ASN C 8 15.84 -3.96 15.67
CA ASN C 8 15.77 -5.35 15.23
C ASN C 8 15.27 -5.51 13.79
N LEU C 9 16.18 -5.25 12.85
CA LEU C 9 15.96 -5.52 11.43
C LEU C 9 16.00 -7.02 11.18
N CYS C 10 15.24 -7.48 10.18
CA CYS C 10 15.20 -8.91 9.86
C CYS C 10 16.57 -9.40 9.38
N PRO C 11 17.15 -10.38 10.10
CA PRO C 11 18.45 -10.92 9.70
C PRO C 11 18.34 -11.75 8.42
N PHE C 12 18.40 -11.08 7.28
CA PHE C 12 18.38 -11.76 5.99
C PHE C 12 19.67 -12.54 5.72
N GLY C 13 20.76 -12.13 6.37
CA GLY C 13 22.04 -12.81 6.22
C GLY C 13 22.02 -14.31 6.44
N GLU C 14 21.28 -14.77 7.44
CA GLU C 14 21.22 -16.21 7.76
C GLU C 14 20.51 -17.05 6.70
N VAL C 15 19.71 -16.38 5.86
CA VAL C 15 19.06 -17.02 4.71
C VAL C 15 19.95 -16.98 3.48
N PHE C 16 20.66 -15.87 3.29
CA PHE C 16 21.45 -15.64 2.06
C PHE C 16 22.88 -16.20 2.18
N ASN C 17 23.50 -16.01 3.35
CA ASN C 17 24.85 -16.56 3.62
C ASN C 17 24.84 -18.02 4.13
N ALA C 18 23.70 -18.70 4.06
CA ALA C 18 23.58 -20.06 4.57
C ALA C 18 24.40 -21.03 3.72
N THR C 19 25.23 -21.83 4.38
CA THR C 19 26.22 -22.66 3.71
C THR C 19 25.61 -23.66 2.74
N LYS C 20 24.57 -24.36 3.18
CA LYS C 20 23.91 -25.39 2.38
C LYS C 20 22.56 -24.89 1.87
N PHE C 21 22.27 -25.15 0.60
CA PHE C 21 20.99 -24.82 -0.01
C PHE C 21 20.33 -26.13 -0.48
N PRO C 22 19.00 -26.22 -0.41
CA PRO C 22 18.30 -27.43 -0.87
C PRO C 22 18.05 -27.51 -2.38
N SER C 23 17.60 -28.69 -2.80
CA SER C 23 17.19 -28.94 -4.18
C SER C 23 15.84 -28.27 -4.43
N VAL C 24 15.55 -27.89 -5.67
CA VAL C 24 14.27 -27.20 -5.96
C VAL C 24 13.01 -28.05 -5.68
N TYR C 25 13.08 -29.38 -5.86
CA TYR C 25 11.94 -30.25 -5.53
C TYR C 25 11.68 -30.36 -4.02
N ALA C 26 12.76 -30.28 -3.24
CA ALA C 26 12.75 -30.40 -1.79
C ALA C 26 13.08 -29.04 -1.17
N TRP C 27 12.41 -28.01 -1.68
CA TRP C 27 12.66 -26.62 -1.27
C TRP C 27 12.26 -26.41 0.19
N GLU C 28 13.01 -25.56 0.89
CA GLU C 28 12.86 -25.37 2.33
C GLU C 28 12.41 -23.95 2.66
N ARG C 29 11.49 -23.84 3.61
CA ARG C 29 11.01 -22.55 4.10
C ARG C 29 11.65 -22.18 5.43
N LYS C 30 12.04 -20.92 5.55
CA LYS C 30 12.46 -20.37 6.82
C LYS C 30 11.58 -19.17 7.15
N LYS C 31 11.12 -19.12 8.42
CA LYS C 31 10.38 -17.98 8.92
C LYS C 31 11.28 -17.14 9.82
N ILE C 32 11.37 -15.84 9.50
CA ILE C 32 12.03 -14.84 10.34
C ILE C 32 10.91 -13.99 10.94
N SER C 33 10.72 -14.08 12.26
CA SER C 33 9.56 -13.45 12.89
C SER C 33 9.86 -12.08 13.51
N ASN C 34 8.83 -11.23 13.55
CA ASN C 34 8.83 -9.99 14.33
C ASN C 34 10.06 -9.07 14.16
N CYS C 35 10.24 -8.54 12.95
CA CYS C 35 11.38 -7.68 12.66
C CYS C 35 11.13 -6.74 11.49
N VAL C 36 11.96 -5.70 11.40
CA VAL C 36 11.81 -4.70 10.34
C VAL C 36 12.51 -5.19 9.07
N ALA C 37 11.74 -5.38 8.00
CA ALA C 37 12.25 -5.84 6.71
C ALA C 37 13.06 -4.76 6.00
N ASP C 38 14.37 -4.99 5.86
CA ASP C 38 15.28 -4.06 5.19
C ASP C 38 15.92 -4.75 3.99
N TYR C 39 15.10 -5.03 2.99
CA TYR C 39 15.60 -5.63 1.74
C TYR C 39 16.04 -4.56 0.73
N SER C 40 15.81 -3.29 1.09
CA SER C 40 16.42 -2.16 0.40
C SER C 40 17.95 -2.26 0.45
N VAL C 41 18.48 -2.63 1.62
CA VAL C 41 19.92 -2.92 1.77
C VAL C 41 20.36 -4.03 0.82
N LEU C 42 19.50 -5.03 0.63
CA LEU C 42 19.79 -6.13 -0.29
C LEU C 42 19.68 -5.69 -1.77
N TYR C 43 18.68 -4.87 -2.09
CA TYR C 43 18.53 -4.32 -3.44
C TYR C 43 19.73 -3.47 -3.88
N ASN C 44 20.11 -2.51 -3.03
CA ASN C 44 21.32 -1.70 -3.23
C ASN C 44 22.60 -2.52 -2.94
N SER C 45 22.72 -3.69 -3.57
CA SER C 45 23.89 -4.57 -3.47
C SER C 45 24.34 -4.90 -4.88
N THR C 46 25.60 -5.29 -5.03
CA THR C 46 26.04 -5.99 -6.23
C THR C 46 26.21 -7.46 -5.87
N PHE C 47 25.14 -8.06 -5.37
CA PHE C 47 25.15 -9.45 -4.92
C PHE C 47 24.23 -10.32 -5.78
N PHE C 48 23.09 -9.74 -6.20
CA PHE C 48 22.02 -10.49 -6.85
C PHE C 48 21.98 -10.25 -8.34
N SER C 49 21.78 -11.32 -9.11
CA SER C 49 21.55 -11.23 -10.55
C SER C 49 20.06 -11.03 -10.85
N THR C 50 19.19 -11.66 -10.06
CA THR C 50 17.75 -11.42 -10.10
C THR C 50 17.30 -10.76 -8.79
N PHE C 51 16.46 -9.73 -8.91
CA PHE C 51 15.80 -9.11 -7.77
C PHE C 51 14.53 -8.50 -8.31
N LYS C 52 13.42 -9.23 -8.19
CA LYS C 52 12.14 -8.81 -8.76
C LYS C 52 11.05 -8.89 -7.70
N CYS C 53 10.48 -7.74 -7.37
CA CYS C 53 9.36 -7.65 -6.45
C CYS C 53 8.05 -7.43 -7.21
N TYR C 54 6.98 -7.95 -6.62
CA TYR C 54 5.67 -7.98 -7.21
C TYR C 54 4.71 -7.34 -6.22
N GLY C 55 3.65 -6.73 -6.72
CA GLY C 55 2.64 -6.11 -5.87
C GLY C 55 3.22 -5.08 -4.90
N VAL C 56 2.72 -5.09 -3.66
CA VAL C 56 3.04 -4.07 -2.64
C VAL C 56 4.48 -4.15 -2.11
N SER C 57 5.14 -5.28 -2.36
CA SER C 57 6.56 -5.43 -2.09
C SER C 57 7.40 -4.58 -3.05
N ALA C 58 6.83 -4.31 -4.24
CA ALA C 58 7.45 -3.46 -5.26
C ALA C 58 7.29 -1.98 -4.92
N THR C 59 6.11 -1.60 -4.43
CA THR C 59 5.82 -0.23 -4.00
C THR C 59 6.63 0.19 -2.77
N LYS C 60 6.92 -0.79 -1.91
CA LYS C 60 7.56 -0.51 -0.63
C LYS C 60 8.91 -1.25 -0.51
N LEU C 61 9.75 -1.11 -1.54
CA LEU C 61 11.10 -1.70 -1.57
C LEU C 61 12.04 -0.96 -0.60
N ASN C 62 12.02 0.37 -0.68
CA ASN C 62 12.87 1.25 0.16
C ASN C 62 12.35 1.49 1.59
N ASP C 63 11.17 0.99 1.91
CA ASP C 63 10.54 1.23 3.22
C ASP C 63 11.05 0.26 4.30
N LEU C 64 10.86 0.66 5.56
CA LEU C 64 11.21 -0.13 6.74
C LEU C 64 9.95 -0.43 7.56
N CYS C 65 9.58 -1.71 7.64
CA CYS C 65 8.27 -2.13 8.16
C CYS C 65 8.34 -3.47 8.92
N PHE C 66 7.43 -3.65 9.88
CA PHE C 66 7.42 -4.82 10.78
C PHE C 66 6.53 -5.97 10.29
N SER C 67 7.14 -7.13 10.10
CA SER C 67 6.47 -8.28 9.50
C SER C 67 7.13 -9.60 9.89
N ASN C 68 6.46 -10.69 9.59
CA ASN C 68 7.10 -12.00 9.52
C ASN C 68 7.52 -12.22 8.06
N VAL C 69 8.75 -12.69 7.87
CA VAL C 69 9.25 -12.99 6.52
C VAL C 69 9.40 -14.50 6.35
N TYR C 70 8.86 -15.03 5.26
CA TYR C 70 9.02 -16.43 4.89
C TYR C 70 10.00 -16.53 3.72
N ALA C 71 11.17 -17.11 3.98
CA ALA C 71 12.22 -17.27 2.97
C ALA C 71 12.28 -18.70 2.45
N ASP C 72 12.00 -18.87 1.16
CA ASP C 72 12.10 -20.14 0.45
C ASP C 72 13.42 -20.22 -0.31
N SER C 73 14.31 -21.10 0.15
CA SER C 73 15.61 -21.32 -0.46
C SER C 73 15.60 -22.53 -1.39
N PHE C 74 16.34 -22.43 -2.49
CA PHE C 74 16.62 -23.56 -3.37
C PHE C 74 17.60 -23.16 -4.49
N VAL C 75 18.10 -24.18 -5.19
CA VAL C 75 19.02 -23.99 -6.30
C VAL C 75 18.33 -24.38 -7.62
N VAL C 76 18.56 -23.60 -8.67
CA VAL C 76 18.19 -23.98 -10.02
C VAL C 76 19.27 -23.57 -11.02
N LYS C 77 19.21 -24.18 -12.19
CA LYS C 77 19.97 -23.81 -13.39
C LYS C 77 19.69 -22.37 -13.73
N GLY C 78 20.66 -21.69 -14.35
CA GLY C 78 20.44 -20.32 -14.81
C GLY C 78 19.24 -20.16 -15.76
N ASP C 79 19.07 -21.11 -16.67
CA ASP C 79 17.96 -21.09 -17.63
C ASP C 79 16.60 -21.27 -16.96
N ASP C 80 16.59 -21.78 -15.72
CA ASP C 80 15.35 -22.04 -14.98
C ASP C 80 15.00 -20.98 -13.94
N VAL C 81 15.85 -19.97 -13.77
CA VAL C 81 15.54 -18.86 -12.87
C VAL C 81 14.32 -18.07 -13.37
N ARG C 82 14.17 -17.95 -14.69
CA ARG C 82 13.00 -17.29 -15.28
C ARG C 82 11.64 -17.87 -14.82
N GLN C 83 11.61 -19.18 -14.56
CA GLN C 83 10.40 -19.86 -14.12
C GLN C 83 10.00 -19.56 -12.68
N ILE C 84 10.87 -18.88 -11.93
CA ILE C 84 10.57 -18.49 -10.57
C ILE C 84 9.89 -17.12 -10.61
N ALA C 85 8.73 -17.10 -11.23
CA ALA C 85 7.92 -15.91 -11.39
C ALA C 85 6.46 -16.34 -11.52
N PRO C 86 5.51 -15.45 -11.15
CA PRO C 86 4.08 -15.74 -11.34
C PRO C 86 3.76 -16.00 -12.80
N GLY C 87 2.86 -16.94 -13.06
CA GLY C 87 2.37 -17.19 -14.43
C GLY C 87 3.32 -17.97 -15.34
N GLN C 88 4.40 -18.49 -14.77
CA GLN C 88 5.38 -19.25 -15.56
C GLN C 88 5.00 -20.73 -15.63
N THR C 89 5.53 -21.41 -16.65
CA THR C 89 5.38 -22.86 -16.81
C THR C 89 6.74 -23.45 -17.15
N GLY C 90 6.81 -24.78 -17.22
CA GLY C 90 8.09 -25.48 -17.35
C GLY C 90 8.21 -26.43 -16.17
N VAL C 91 9.17 -27.33 -16.21
CA VAL C 91 9.26 -28.39 -15.19
C VAL C 91 9.41 -27.85 -13.77
N ILE C 92 10.06 -26.69 -13.61
CA ILE C 92 10.28 -26.12 -12.27
C ILE C 92 8.98 -25.49 -11.78
N ALA C 93 8.44 -24.56 -12.54
CA ALA C 93 7.15 -23.93 -12.24
C ALA C 93 6.05 -24.98 -11.99
N ASP C 94 5.99 -26.01 -12.82
CA ASP C 94 4.92 -27.02 -12.72
C ASP C 94 5.12 -28.09 -11.67
N TYR C 95 6.33 -28.62 -11.54
CA TYR C 95 6.54 -29.82 -10.73
C TYR C 95 7.46 -29.63 -9.54
N ASN C 96 7.99 -28.42 -9.36
CA ASN C 96 8.90 -28.13 -8.24
C ASN C 96 8.51 -26.99 -7.30
N TYR C 97 8.50 -25.76 -7.81
CA TYR C 97 8.21 -24.57 -7.00
C TYR C 97 7.37 -23.59 -7.81
N LYS C 98 6.16 -23.31 -7.32
CA LYS C 98 5.18 -22.52 -8.03
C LYS C 98 4.77 -21.32 -7.18
N LEU C 99 4.97 -20.13 -7.73
CA LEU C 99 4.45 -18.90 -7.16
C LEU C 99 3.01 -18.68 -7.63
N PRO C 100 2.18 -18.05 -6.78
CA PRO C 100 0.81 -17.68 -7.17
C PRO C 100 0.81 -16.58 -8.21
N ASP C 101 -0.27 -16.47 -8.97
CA ASP C 101 -0.44 -15.40 -9.94
C ASP C 101 -0.55 -14.05 -9.21
N ASP C 102 -1.05 -14.08 -7.98
CA ASP C 102 -1.25 -12.88 -7.14
C ASP C 102 -0.10 -12.66 -6.14
N PHE C 103 1.10 -13.12 -6.48
CA PHE C 103 2.26 -13.01 -5.60
C PHE C 103 2.65 -11.54 -5.35
N MET C 104 2.97 -11.24 -4.09
CA MET C 104 3.25 -9.86 -3.64
C MET C 104 4.58 -9.78 -2.90
N GLY C 105 5.47 -10.75 -3.13
CA GLY C 105 6.81 -10.77 -2.52
C GLY C 105 7.96 -10.60 -3.50
N CYS C 106 9.17 -10.98 -3.07
CA CYS C 106 10.40 -10.86 -3.88
C CYS C 106 11.02 -12.21 -4.27
N VAL C 107 11.56 -12.27 -5.48
CA VAL C 107 12.39 -13.37 -5.95
C VAL C 107 13.80 -12.79 -6.10
N LEU C 108 14.74 -13.36 -5.37
CA LEU C 108 16.13 -12.98 -5.42
C LEU C 108 16.93 -14.18 -5.89
N ALA C 109 17.75 -14.01 -6.92
CA ALA C 109 18.64 -15.07 -7.40
C ALA C 109 20.06 -14.55 -7.58
N TRP C 110 21.02 -15.45 -7.60
CA TRP C 110 22.42 -15.10 -7.82
C TRP C 110 23.22 -16.32 -8.22
N ASN C 111 24.24 -16.08 -9.04
CA ASN C 111 25.07 -17.12 -9.61
C ASN C 111 26.03 -17.70 -8.56
N THR C 112 26.02 -19.02 -8.41
CA THR C 112 26.83 -19.71 -7.41
C THR C 112 27.79 -20.73 -8.04
N ARG C 113 28.16 -20.48 -9.29
CA ARG C 113 29.14 -21.28 -10.03
C ARG C 113 30.36 -21.66 -9.19
N ASN C 114 30.90 -20.72 -8.44
CA ASN C 114 32.13 -20.98 -7.66
C ASN C 114 31.90 -21.81 -6.39
N ILE C 115 30.67 -21.81 -5.89
CA ILE C 115 30.30 -22.60 -4.72
C ILE C 115 29.62 -23.91 -5.15
N ASP C 116 28.74 -23.86 -6.15
CA ASP C 116 27.83 -24.97 -6.50
C ASP C 116 28.24 -25.81 -7.72
N ALA C 117 29.31 -25.41 -8.40
CA ALA C 117 29.79 -26.15 -9.54
C ALA C 117 31.20 -26.64 -9.27
N THR C 118 31.57 -27.77 -9.88
CA THR C 118 32.96 -28.24 -9.88
C THR C 118 33.41 -28.55 -11.31
N SER C 119 34.70 -28.84 -11.46
CA SER C 119 35.28 -29.18 -12.76
C SER C 119 34.77 -30.51 -13.29
N THR C 120 34.31 -31.37 -12.38
CA THR C 120 33.77 -32.68 -12.73
C THR C 120 32.25 -32.75 -12.52
N GLY C 121 31.64 -31.60 -12.23
CA GLY C 121 30.19 -31.49 -12.08
C GLY C 121 29.71 -31.85 -10.69
N ASN C 122 28.95 -30.94 -10.07
CA ASN C 122 28.29 -31.22 -8.81
C ASN C 122 26.87 -31.69 -9.11
N TYR C 123 26.58 -32.93 -8.71
CA TYR C 123 25.28 -33.56 -8.95
C TYR C 123 24.43 -33.72 -7.67
N ASN C 124 24.71 -32.92 -6.64
CA ASN C 124 23.92 -32.95 -5.39
C ASN C 124 22.56 -32.27 -5.46
N TYR C 125 22.31 -31.49 -6.51
CA TYR C 125 21.04 -30.80 -6.68
C TYR C 125 20.16 -31.49 -7.71
N LYS C 126 18.87 -31.52 -7.40
CA LYS C 126 17.91 -32.30 -8.17
C LYS C 126 16.63 -31.49 -8.45
N TYR C 127 15.80 -32.05 -9.31
CA TYR C 127 14.52 -31.46 -9.68
C TYR C 127 13.59 -32.56 -10.20
N ARG C 128 12.28 -32.42 -9.99
CA ARG C 128 11.27 -33.33 -10.51
C ARG C 128 10.92 -32.90 -11.94
N TYR C 129 10.78 -33.86 -12.85
CA TYR C 129 10.43 -33.56 -14.26
C TYR C 129 9.15 -34.23 -14.72
N LEU C 130 8.63 -35.13 -13.87
CA LEU C 130 7.40 -35.87 -14.14
C LEU C 130 6.46 -35.81 -12.94
N ARG C 131 5.20 -35.49 -13.19
CA ARG C 131 4.20 -35.44 -12.13
C ARG C 131 2.79 -35.54 -12.70
N HIS C 132 1.90 -36.17 -11.94
CA HIS C 132 0.49 -36.24 -12.30
C HIS C 132 -0.25 -34.97 -11.84
N GLY C 133 -0.12 -33.91 -12.64
CA GLY C 133 -0.73 -32.62 -12.33
C GLY C 133 0.31 -31.61 -11.92
N LYS C 134 0.00 -30.34 -12.16
CA LYS C 134 0.86 -29.23 -11.75
C LYS C 134 0.65 -28.94 -10.26
N LEU C 135 1.73 -28.56 -9.57
CA LEU C 135 1.68 -28.17 -8.17
C LEU C 135 0.83 -26.91 -7.99
N ARG C 136 0.23 -26.77 -6.81
CA ARG C 136 -0.45 -25.54 -6.41
C ARG C 136 0.62 -24.55 -5.94
N PRO C 137 0.32 -23.24 -5.99
CA PRO C 137 1.31 -22.29 -5.46
C PRO C 137 1.80 -22.67 -4.06
N PHE C 138 3.11 -22.66 -3.88
CA PHE C 138 3.78 -23.01 -2.62
C PHE C 138 3.58 -24.48 -2.19
N GLU C 139 3.06 -25.32 -3.09
CA GLU C 139 2.97 -26.75 -2.81
C GLU C 139 4.39 -27.34 -2.94
N ARG C 140 4.61 -28.43 -2.24
CA ARG C 140 5.92 -29.09 -2.20
C ARG C 140 5.73 -30.60 -2.32
N ASP C 141 6.49 -31.20 -3.22
CA ASP C 141 6.43 -32.63 -3.44
C ASP C 141 7.82 -33.21 -3.20
N ILE C 142 7.97 -34.12 -2.26
CA ILE C 142 9.27 -34.72 -2.05
C ILE C 142 9.23 -36.25 -2.22
N SER C 143 8.17 -36.73 -2.90
CA SER C 143 7.96 -38.14 -3.13
C SER C 143 8.94 -38.63 -4.17
N ASN C 144 9.34 -39.89 -4.05
CA ASN C 144 10.18 -40.54 -5.06
C ASN C 144 9.56 -41.91 -5.40
N VAL C 145 8.53 -41.85 -6.22
CA VAL C 145 7.68 -42.98 -6.57
C VAL C 145 7.74 -43.14 -8.09
N PRO C 146 7.81 -44.39 -8.58
CA PRO C 146 7.78 -44.61 -10.02
C PRO C 146 6.61 -43.91 -10.69
N PHE C 147 6.89 -43.28 -11.82
CA PHE C 147 5.89 -42.56 -12.57
C PHE C 147 5.55 -43.32 -13.85
N SER C 148 4.27 -43.35 -14.18
CA SER C 148 3.83 -43.88 -15.46
C SER C 148 2.66 -43.04 -15.97
N PRO C 149 2.68 -42.70 -17.28
CA PRO C 149 1.61 -41.90 -17.91
C PRO C 149 0.18 -42.34 -17.59
N ASP C 150 -0.04 -43.65 -17.51
CA ASP C 150 -1.39 -44.17 -17.25
C ASP C 150 -1.73 -44.36 -15.76
N GLY C 151 -0.76 -44.08 -14.88
CA GLY C 151 -0.98 -44.16 -13.43
C GLY C 151 -0.92 -45.55 -12.82
N LYS C 152 -0.59 -46.56 -13.63
CA LYS C 152 -0.57 -47.94 -13.17
C LYS C 152 0.85 -48.24 -12.66
N PRO C 153 0.96 -49.01 -11.56
CA PRO C 153 2.27 -49.11 -10.94
C PRO C 153 3.22 -50.05 -11.68
N CYS C 154 4.50 -49.69 -11.65
CA CYS C 154 5.53 -50.36 -12.42
C CYS C 154 6.87 -50.14 -11.73
N THR C 155 7.89 -50.87 -12.15
CA THR C 155 9.25 -50.65 -11.67
C THR C 155 10.15 -50.39 -12.87
N PRO C 156 10.91 -49.28 -12.85
CA PRO C 156 11.97 -49.11 -13.84
C PRO C 156 13.09 -50.16 -13.67
N PRO C 157 13.77 -50.52 -14.77
CA PRO C 157 13.49 -50.05 -16.12
C PRO C 157 12.33 -50.80 -16.79
N ALA C 158 11.40 -50.07 -17.38
CA ALA C 158 10.29 -50.68 -18.10
C ALA C 158 9.63 -49.68 -19.05
N LEU C 159 8.86 -50.19 -20.00
CA LEU C 159 8.17 -49.35 -20.99
C LEU C 159 7.20 -48.41 -20.28
N ASN C 160 7.29 -47.11 -20.58
CA ASN C 160 6.41 -46.10 -20.00
C ASN C 160 6.47 -46.05 -18.49
N CYS C 161 7.64 -46.33 -17.93
CA CYS C 161 7.87 -46.30 -16.49
C CYS C 161 9.14 -45.50 -16.18
N TYR C 162 9.00 -44.50 -15.32
CA TYR C 162 10.04 -43.50 -15.13
C TYR C 162 10.24 -43.20 -13.66
N TRP C 163 11.48 -42.97 -13.28
CA TRP C 163 11.78 -42.34 -12.00
C TRP C 163 11.65 -40.83 -12.23
N PRO C 164 10.93 -40.12 -11.34
CA PRO C 164 10.50 -38.73 -11.60
C PRO C 164 11.54 -37.63 -11.32
N LEU C 165 12.66 -37.98 -10.68
CA LEU C 165 13.68 -37.02 -10.29
C LEU C 165 14.92 -37.10 -11.20
N ASN C 166 15.38 -35.93 -11.62
CA ASN C 166 16.65 -35.77 -12.35
C ASN C 166 17.69 -35.05 -11.49
N ASP C 167 18.94 -35.12 -11.91
CA ASP C 167 20.04 -34.40 -11.29
C ASP C 167 20.40 -33.20 -12.15
N TYR C 168 20.66 -32.05 -11.52
CA TYR C 168 21.38 -31.00 -12.20
C TYR C 168 22.86 -31.39 -12.18
N GLY C 169 23.53 -31.24 -13.31
CA GLY C 169 24.99 -31.33 -13.38
C GLY C 169 25.60 -29.95 -13.50
N PHE C 170 26.32 -29.53 -12.48
CA PHE C 170 26.84 -28.17 -12.41
C PHE C 170 28.35 -28.13 -12.53
N TYR C 171 28.81 -27.73 -13.71
CA TYR C 171 30.24 -27.67 -14.05
C TYR C 171 30.75 -26.22 -14.17
N THR C 172 32.02 -26.04 -13.83
CA THR C 172 32.73 -24.78 -14.05
C THR C 172 33.01 -24.43 -15.53
N THR C 173 32.79 -25.38 -16.43
CA THR C 173 33.05 -25.21 -17.86
C THR C 173 31.87 -24.67 -18.68
N THR C 174 30.67 -24.79 -18.13
CA THR C 174 29.43 -24.48 -18.83
C THR C 174 29.04 -23.00 -18.69
N GLY C 175 28.30 -22.49 -19.68
CA GLY C 175 27.87 -21.10 -19.73
C GLY C 175 26.79 -20.86 -18.69
N ILE C 176 26.56 -19.60 -18.34
CA ILE C 176 25.69 -19.27 -17.21
C ILE C 176 24.29 -19.90 -17.22
N GLY C 177 23.76 -20.20 -18.41
CA GLY C 177 22.44 -20.81 -18.55
C GLY C 177 22.37 -22.21 -17.96
N TYR C 178 23.50 -22.91 -17.98
CA TYR C 178 23.69 -24.20 -17.30
C TYR C 178 24.39 -24.09 -15.94
N GLN C 179 24.86 -22.91 -15.56
CA GLN C 179 25.44 -22.71 -14.21
C GLN C 179 24.39 -22.73 -13.09
N PRO C 180 24.82 -23.02 -11.84
CA PRO C 180 23.92 -22.98 -10.68
C PRO C 180 23.56 -21.56 -10.22
N TYR C 181 22.30 -21.38 -9.86
CA TYR C 181 21.82 -20.14 -9.19
C TYR C 181 21.11 -20.52 -7.91
N ARG C 182 21.49 -19.85 -6.81
CA ARG C 182 20.73 -19.97 -5.58
C ARG C 182 19.61 -18.95 -5.68
N VAL C 183 18.39 -19.37 -5.37
CA VAL C 183 17.23 -18.52 -5.37
C VAL C 183 16.65 -18.47 -3.97
N VAL C 184 16.26 -17.27 -3.54
CA VAL C 184 15.53 -17.08 -2.30
C VAL C 184 14.27 -16.29 -2.63
N VAL C 185 13.11 -16.85 -2.29
CA VAL C 185 11.84 -16.15 -2.46
C VAL C 185 11.36 -15.66 -1.11
N LEU C 186 11.11 -14.35 -1.03
CA LEU C 186 10.64 -13.71 0.20
C LEU C 186 9.15 -13.41 0.11
N SER C 187 8.37 -13.94 1.07
CA SER C 187 6.97 -13.59 1.24
C SER C 187 6.86 -12.84 2.55
N PHE C 188 6.03 -11.81 2.58
CA PHE C 188 5.88 -10.96 3.77
C PHE C 188 4.49 -11.10 4.36
N GLU C 189 4.42 -11.05 5.68
CA GLU C 189 3.18 -11.16 6.42
C GLU C 189 3.16 -10.10 7.52
N LEU C 190 2.22 -9.17 7.44
CA LEU C 190 2.12 -8.05 8.39
C LEU C 190 1.54 -8.52 9.74
N LEU C 191 2.02 -7.91 10.83
CA LEU C 191 1.63 -8.30 12.21
C LEU C 191 0.42 -7.52 12.75
N ASN C 192 -0.66 -7.53 11.96
CA ASN C 192 -1.98 -7.08 12.37
C ASN C 192 -2.90 -8.28 12.62
N GLU D 3 19.24 -23.39 -37.09
CA GLU D 3 19.73 -24.78 -36.94
C GLU D 3 21.24 -24.82 -36.71
N VAL D 4 21.66 -25.63 -35.73
CA VAL D 4 23.04 -25.73 -35.30
C VAL D 4 23.81 -26.65 -36.24
N GLN D 5 24.95 -26.17 -36.74
CA GLN D 5 25.83 -26.98 -37.58
C GLN D 5 27.27 -26.95 -37.07
N LEU D 6 27.92 -28.09 -37.16
CA LEU D 6 29.32 -28.24 -36.78
C LEU D 6 30.04 -28.96 -37.91
N VAL D 7 30.89 -28.24 -38.64
CA VAL D 7 31.59 -28.80 -39.79
C VAL D 7 33.06 -28.93 -39.46
N GLN D 8 33.52 -30.18 -39.44
CA GLN D 8 34.90 -30.49 -39.14
C GLN D 8 35.78 -30.59 -40.37
N SER D 9 37.07 -30.33 -40.17
CA SER D 9 38.10 -30.53 -41.19
C SER D 9 39.43 -30.86 -40.53
N GLY D 10 40.34 -31.49 -41.26
CA GLY D 10 41.72 -31.70 -40.80
C GLY D 10 42.11 -33.12 -40.40
N GLY D 11 41.57 -34.13 -41.08
CA GLY D 11 41.95 -35.53 -40.80
C GLY D 11 43.15 -36.02 -41.59
N GLY D 12 43.15 -37.32 -41.87
CA GLY D 12 44.13 -37.93 -42.76
C GLY D 12 45.14 -38.83 -42.08
N VAL D 13 46.04 -39.38 -42.90
CA VAL D 13 47.06 -40.33 -42.47
C VAL D 13 48.28 -39.60 -41.88
N VAL D 14 48.77 -40.08 -40.74
CA VAL D 14 50.06 -39.63 -40.19
C VAL D 14 50.90 -40.80 -39.65
N GLN D 15 52.21 -40.59 -39.56
CA GLN D 15 53.10 -41.60 -38.96
C GLN D 15 53.15 -41.39 -37.44
N PRO D 16 53.50 -42.46 -36.69
CA PRO D 16 53.62 -42.39 -35.24
C PRO D 16 54.61 -41.33 -34.75
N GLY D 17 54.22 -40.57 -33.72
CA GLY D 17 55.05 -39.52 -33.14
C GLY D 17 54.93 -38.15 -33.78
N LYS D 18 54.07 -38.02 -34.79
CA LYS D 18 53.88 -36.74 -35.51
C LYS D 18 52.69 -35.95 -34.95
N SER D 19 52.51 -34.74 -35.47
CA SER D 19 51.46 -33.82 -34.99
C SER D 19 50.35 -33.62 -36.03
N LEU D 20 49.23 -33.09 -35.55
CA LEU D 20 47.99 -33.01 -36.33
C LEU D 20 46.99 -32.12 -35.58
N ARG D 21 46.38 -31.17 -36.29
CA ARG D 21 45.37 -30.29 -35.71
C ARG D 21 44.01 -30.54 -36.35
N LEU D 22 42.95 -30.61 -35.53
CA LEU D 22 41.57 -30.73 -36.02
C LEU D 22 40.80 -29.43 -35.83
N SER D 23 39.89 -29.15 -36.74
CA SER D 23 39.06 -27.95 -36.68
C SER D 23 37.58 -28.30 -36.70
N CYS D 24 36.79 -27.49 -35.99
CA CYS D 24 35.34 -27.60 -36.00
C CYS D 24 34.75 -26.20 -36.10
N ALA D 25 34.17 -25.89 -37.26
CA ALA D 25 33.54 -24.61 -37.50
C ALA D 25 32.08 -24.68 -37.05
N ALA D 26 31.72 -23.83 -36.09
CA ALA D 26 30.38 -23.78 -35.54
C ALA D 26 29.54 -22.74 -36.27
N SER D 27 28.27 -23.05 -36.51
CA SER D 27 27.29 -22.02 -36.86
C SER D 27 25.90 -22.36 -36.30
N GLY D 28 25.03 -21.35 -36.28
CA GLY D 28 23.64 -21.53 -35.86
C GLY D 28 23.40 -21.46 -34.36
N PHE D 29 24.42 -21.05 -33.60
CA PHE D 29 24.24 -20.82 -32.18
C PHE D 29 25.28 -19.86 -31.62
N ALA D 30 25.06 -19.42 -30.38
CA ALA D 30 25.99 -18.51 -29.71
C ALA D 30 27.17 -19.31 -29.17
N PHE D 31 28.10 -19.61 -30.08
CA PHE D 31 29.27 -20.45 -29.82
C PHE D 31 30.02 -20.08 -28.53
N SER D 32 30.13 -18.80 -28.25
CA SER D 32 30.81 -18.31 -27.04
C SER D 32 30.10 -18.65 -25.72
N SER D 33 28.88 -19.19 -25.77
CA SER D 33 28.08 -19.47 -24.56
C SER D 33 28.16 -20.92 -24.09
N TYR D 34 28.70 -21.77 -24.94
CA TYR D 34 28.63 -23.22 -24.77
C TYR D 34 30.01 -23.79 -24.58
N ALA D 35 30.14 -24.77 -23.69
CA ALA D 35 31.34 -25.63 -23.66
C ALA D 35 31.31 -26.49 -24.90
N MET D 36 32.47 -27.01 -25.29
CA MET D 36 32.60 -27.83 -26.49
C MET D 36 33.46 -29.03 -26.15
N HIS D 37 33.14 -30.17 -26.73
CA HIS D 37 33.82 -31.43 -26.41
C HIS D 37 34.45 -32.05 -27.66
N TRP D 38 35.49 -32.85 -27.43
CA TRP D 38 35.98 -33.79 -28.43
C TRP D 38 35.76 -35.18 -27.88
N VAL D 39 35.18 -36.04 -28.73
CA VAL D 39 35.01 -37.45 -28.45
C VAL D 39 35.54 -38.17 -29.71
N ARG D 40 36.06 -39.39 -29.54
CA ARG D 40 36.58 -40.18 -30.66
C ARG D 40 36.06 -41.62 -30.68
N GLN D 41 36.16 -42.25 -31.86
CA GLN D 41 35.67 -43.61 -32.05
C GLN D 41 36.65 -44.41 -32.90
N ALA D 42 37.33 -45.36 -32.25
CA ALA D 42 38.24 -46.27 -32.93
C ALA D 42 37.48 -47.17 -33.92
N PRO D 43 38.11 -47.52 -35.06
CA PRO D 43 37.38 -48.32 -36.05
C PRO D 43 36.74 -49.58 -35.45
N GLY D 44 35.46 -49.79 -35.76
CA GLY D 44 34.70 -50.95 -35.26
C GLY D 44 34.47 -51.03 -33.75
N LYS D 45 34.63 -49.92 -33.02
CA LYS D 45 34.60 -49.93 -31.55
C LYS D 45 33.83 -48.76 -30.92
N GLY D 46 33.83 -48.68 -29.59
CA GLY D 46 32.99 -47.72 -28.85
C GLY D 46 33.41 -46.26 -28.91
N LEU D 47 32.49 -45.38 -28.55
CA LEU D 47 32.77 -43.94 -28.45
C LEU D 47 33.58 -43.64 -27.19
N GLU D 48 34.53 -42.71 -27.29
CA GLU D 48 35.40 -42.36 -26.17
C GLU D 48 35.55 -40.85 -26.05
N TRP D 49 35.22 -40.31 -24.89
CA TRP D 49 35.37 -38.89 -24.62
C TRP D 49 36.87 -38.54 -24.51
N VAL D 50 37.25 -37.40 -25.10
CA VAL D 50 38.66 -36.97 -25.15
C VAL D 50 38.94 -35.73 -24.33
N ALA D 51 38.24 -34.65 -24.63
CA ALA D 51 38.54 -33.33 -24.05
C ALA D 51 37.34 -32.37 -24.04
N VAL D 52 37.36 -31.44 -23.10
CA VAL D 52 36.33 -30.41 -22.99
C VAL D 52 37.00 -29.06 -22.75
N ILE D 53 36.42 -28.01 -23.35
CA ILE D 53 36.89 -26.65 -23.13
C ILE D 53 35.71 -25.77 -22.71
N SER D 54 35.93 -24.92 -21.71
CA SER D 54 34.88 -24.05 -21.22
C SER D 54 34.47 -23.04 -22.28
N TYR D 55 33.28 -22.49 -22.09
CA TYR D 55 32.70 -21.52 -23.01
C TYR D 55 33.64 -20.37 -23.39
N ASP D 56 34.42 -19.89 -22.41
CA ASP D 56 35.35 -18.79 -22.65
C ASP D 56 36.80 -19.23 -22.94
N GLY D 57 37.06 -20.53 -22.93
CA GLY D 57 38.39 -21.07 -23.16
C GLY D 57 39.30 -21.05 -21.94
N SER D 58 38.81 -20.52 -20.82
CA SER D 58 39.63 -20.31 -19.64
C SER D 58 40.24 -21.64 -19.18
N ASN D 59 39.35 -22.60 -18.87
CA ASN D 59 39.77 -23.94 -18.40
C ASN D 59 39.39 -25.09 -19.35
N LYS D 60 40.24 -26.12 -19.33
CA LYS D 60 40.13 -27.25 -20.25
C LYS D 60 40.53 -28.54 -19.54
N TYR D 61 39.80 -29.61 -19.88
CA TYR D 61 39.97 -30.90 -19.22
C TYR D 61 40.05 -31.99 -20.28
N TYR D 62 40.86 -33.01 -20.01
CA TYR D 62 41.16 -34.07 -20.98
C TYR D 62 41.03 -35.43 -20.34
N ALA D 63 40.83 -36.45 -21.17
CA ALA D 63 40.89 -37.85 -20.72
C ALA D 63 42.33 -38.18 -20.34
N ASP D 64 42.48 -39.09 -19.38
CA ASP D 64 43.81 -39.56 -18.96
C ASP D 64 44.62 -40.17 -20.11
N SER D 65 43.93 -40.82 -21.05
CA SER D 65 44.55 -41.46 -22.20
C SER D 65 45.29 -40.48 -23.11
N VAL D 66 44.84 -39.22 -23.16
CA VAL D 66 45.45 -38.20 -24.04
C VAL D 66 46.04 -36.99 -23.30
N LYS D 67 46.12 -37.05 -21.97
CA LYS D 67 46.68 -35.94 -21.18
C LYS D 67 48.11 -35.64 -21.58
N GLY D 68 48.40 -34.36 -21.81
CA GLY D 68 49.76 -33.89 -22.07
C GLY D 68 50.23 -33.96 -23.52
N ARG D 69 49.43 -34.59 -24.37
CA ARG D 69 49.76 -34.79 -25.77
C ARG D 69 48.73 -34.12 -26.68
N PHE D 70 47.49 -34.02 -26.19
CA PHE D 70 46.44 -33.32 -26.89
C PHE D 70 46.21 -32.00 -26.16
N THR D 71 45.86 -30.97 -26.93
CA THR D 71 45.55 -29.64 -26.40
C THR D 71 44.30 -29.16 -27.10
N ILE D 72 43.27 -28.82 -26.32
CA ILE D 72 41.99 -28.35 -26.86
C ILE D 72 41.99 -26.82 -26.80
N SER D 73 41.37 -26.21 -27.80
CA SER D 73 41.38 -24.76 -27.99
C SER D 73 40.15 -24.31 -28.76
N ARG D 74 39.84 -23.04 -28.65
CA ARG D 74 38.77 -22.43 -29.45
C ARG D 74 39.11 -21.01 -29.82
N ASP D 75 38.53 -20.54 -30.92
CA ASP D 75 38.63 -19.14 -31.32
C ASP D 75 37.23 -18.57 -31.35
N ASN D 76 36.84 -17.93 -30.24
CA ASN D 76 35.48 -17.44 -30.09
C ASN D 76 35.12 -16.35 -31.10
N SER D 77 36.12 -15.63 -31.60
CA SER D 77 35.94 -14.67 -32.68
C SER D 77 35.62 -15.37 -34.02
N LYS D 78 36.25 -16.52 -34.24
CA LYS D 78 36.07 -17.27 -35.49
C LYS D 78 35.03 -18.38 -35.35
N ASN D 79 34.53 -18.59 -34.14
CA ASN D 79 33.56 -19.67 -33.87
C ASN D 79 34.13 -21.04 -34.25
N THR D 80 35.38 -21.27 -33.92
CA THR D 80 36.06 -22.51 -34.29
C THR D 80 36.66 -23.15 -33.06
N LEU D 81 36.52 -24.48 -32.99
CA LEU D 81 37.09 -25.30 -31.92
C LEU D 81 38.23 -26.10 -32.54
N TYR D 82 39.28 -26.33 -31.76
CA TYR D 82 40.45 -27.05 -32.26
C TYR D 82 40.87 -28.19 -31.33
N LEU D 83 41.50 -29.21 -31.91
CA LEU D 83 42.26 -30.20 -31.16
C LEU D 83 43.63 -30.33 -31.80
N GLN D 84 44.65 -29.93 -31.06
CA GLN D 84 46.03 -30.12 -31.45
C GLN D 84 46.48 -31.43 -30.86
N MET D 85 46.72 -32.42 -31.73
CA MET D 85 47.17 -33.74 -31.31
C MET D 85 48.66 -33.90 -31.61
N ASN D 86 49.47 -34.06 -30.56
CA ASN D 86 50.91 -34.28 -30.69
C ASN D 86 51.27 -35.67 -30.20
N SER D 87 52.51 -36.09 -30.49
CA SER D 87 53.01 -37.42 -30.14
C SER D 87 52.03 -38.54 -30.55
N LEU D 88 51.53 -38.45 -31.78
CA LEU D 88 50.46 -39.37 -32.22
C LEU D 88 50.81 -40.85 -32.09
N ARG D 89 49.80 -41.62 -31.72
CA ARG D 89 49.94 -43.01 -31.28
C ARG D 89 48.95 -43.86 -32.08
N ALA D 90 49.21 -45.16 -32.20
CA ALA D 90 48.33 -46.08 -32.95
C ALA D 90 46.94 -46.15 -32.33
N GLU D 91 46.89 -46.08 -31.00
CA GLU D 91 45.62 -46.06 -30.26
C GLU D 91 44.81 -44.79 -30.51
N ASP D 92 45.46 -43.76 -31.03
CA ASP D 92 44.80 -42.51 -31.39
C ASP D 92 44.08 -42.60 -32.74
N THR D 93 44.24 -43.70 -33.46
CA THR D 93 43.50 -43.94 -34.69
C THR D 93 42.03 -44.07 -34.33
N ALA D 94 41.22 -43.16 -34.87
CA ALA D 94 39.84 -43.01 -34.49
C ALA D 94 39.21 -41.98 -35.39
N VAL D 95 37.89 -42.04 -35.55
CA VAL D 95 37.12 -40.93 -36.09
C VAL D 95 36.88 -39.94 -34.95
N TYR D 96 37.34 -38.71 -35.11
CA TYR D 96 37.17 -37.68 -34.07
C TYR D 96 35.98 -36.77 -34.35
N TYR D 97 35.23 -36.49 -33.29
CA TYR D 97 33.99 -35.74 -33.32
C TYR D 97 34.07 -34.52 -32.41
N CYS D 98 33.75 -33.35 -32.93
CA CYS D 98 33.43 -32.20 -32.07
C CYS D 98 31.96 -32.30 -31.69
N ALA D 99 31.63 -31.75 -30.52
CA ALA D 99 30.28 -31.85 -30.00
C ALA D 99 29.95 -30.65 -29.10
N ARG D 100 28.78 -30.06 -29.33
CA ARG D 100 28.30 -28.99 -28.45
C ARG D 100 27.84 -29.57 -27.10
N ASP D 101 28.26 -28.90 -26.04
CA ASP D 101 27.96 -29.30 -24.66
C ASP D 101 26.52 -29.04 -24.28
N ARG D 102 25.94 -29.99 -23.55
CA ARG D 102 24.68 -29.86 -22.86
C ARG D 102 24.89 -30.41 -21.45
N SER D 103 25.62 -29.65 -20.65
CA SER D 103 26.10 -30.11 -19.34
C SER D 103 26.60 -31.57 -19.38
N TYR D 104 27.55 -31.82 -20.29
CA TYR D 104 28.22 -33.12 -20.51
C TYR D 104 27.39 -34.28 -21.08
N TYR D 105 26.22 -33.94 -21.64
CA TYR D 105 25.64 -34.68 -22.78
C TYR D 105 25.99 -33.85 -24.02
N LEU D 106 25.83 -34.46 -25.18
CA LEU D 106 26.27 -33.87 -26.41
C LEU D 106 25.08 -33.73 -27.39
N ASP D 107 24.59 -32.50 -27.57
CA ASP D 107 23.32 -32.28 -28.29
C ASP D 107 23.48 -32.12 -29.80
N TYR D 108 24.68 -31.72 -30.25
CA TYR D 108 24.98 -31.57 -31.66
C TYR D 108 26.41 -32.04 -31.91
N TRP D 109 26.60 -32.75 -33.02
CA TRP D 109 27.88 -33.37 -33.35
C TRP D 109 28.33 -32.96 -34.74
N GLY D 110 29.65 -32.85 -34.92
CA GLY D 110 30.23 -32.63 -36.24
C GLY D 110 30.17 -33.94 -37.02
N GLN D 111 30.52 -33.89 -38.30
CA GLN D 111 30.39 -35.07 -39.16
C GLN D 111 31.46 -36.13 -38.86
N GLY D 112 32.53 -35.70 -38.18
CA GLY D 112 33.66 -36.54 -37.86
C GLY D 112 34.78 -36.44 -38.87
N THR D 113 36.02 -36.60 -38.40
CA THR D 113 37.19 -36.69 -39.28
C THR D 113 38.04 -37.90 -38.87
N LEU D 114 38.43 -38.72 -39.85
CA LEU D 114 39.25 -39.90 -39.59
C LEU D 114 40.70 -39.50 -39.45
N VAL D 115 41.31 -39.88 -38.33
CA VAL D 115 42.73 -39.72 -38.10
C VAL D 115 43.30 -41.13 -38.08
N THR D 116 44.13 -41.44 -39.08
CA THR D 116 44.78 -42.74 -39.18
C THR D 116 46.26 -42.57 -38.83
N VAL D 117 46.64 -43.03 -37.65
CA VAL D 117 48.06 -43.11 -37.28
C VAL D 117 48.60 -44.43 -37.85
N SER D 118 49.43 -44.34 -38.87
CA SER D 118 49.79 -45.51 -39.68
C SER D 118 51.10 -46.15 -39.24
N SER D 119 51.76 -46.80 -40.19
CA SER D 119 52.89 -47.70 -39.90
C SER D 119 54.02 -47.04 -39.11
N SER D 134 37.58 -46.23 -9.93
CA SER D 134 37.67 -45.03 -10.75
C SER D 134 36.56 -44.94 -11.81
N GLU D 135 36.78 -45.57 -12.98
CA GLU D 135 35.90 -45.32 -14.13
C GLU D 135 34.57 -46.08 -14.10
N THR D 136 33.59 -45.55 -14.80
CA THR D 136 32.26 -46.19 -14.87
C THR D 136 32.07 -46.84 -16.23
N THR D 137 31.88 -48.16 -16.21
CA THR D 137 31.68 -48.94 -17.41
C THR D 137 30.18 -49.04 -17.69
N LEU D 138 29.83 -48.83 -18.96
CA LEU D 138 28.49 -49.10 -19.45
C LEU D 138 28.58 -50.34 -20.35
N THR D 139 27.74 -51.33 -20.04
CA THR D 139 27.73 -52.63 -20.70
C THR D 139 26.35 -52.71 -21.29
N GLN D 140 26.29 -52.59 -22.62
CA GLN D 140 25.04 -52.72 -23.33
C GLN D 140 24.80 -54.18 -23.64
N SER D 141 23.53 -54.56 -23.76
CA SER D 141 23.15 -55.91 -24.15
C SER D 141 21.77 -55.88 -24.85
N PRO D 142 21.59 -56.70 -25.90
CA PRO D 142 22.59 -57.54 -26.54
C PRO D 142 23.43 -56.69 -27.47
N ALA D 143 24.50 -57.27 -28.01
CA ALA D 143 25.34 -56.57 -28.98
C ALA D 143 24.55 -56.23 -30.25
N THR D 144 23.60 -57.07 -30.62
CA THR D 144 22.77 -56.86 -31.81
C THR D 144 21.36 -57.38 -31.58
N LEU D 145 20.37 -56.66 -32.11
CA LEU D 145 18.98 -57.09 -32.12
C LEU D 145 18.50 -57.11 -33.57
N SER D 146 17.98 -58.23 -34.03
CA SER D 146 17.50 -58.39 -35.40
C SER D 146 15.97 -58.40 -35.43
N LEU D 147 15.38 -57.32 -35.95
CA LEU D 147 13.92 -57.14 -35.92
C LEU D 147 13.37 -56.64 -37.25
N SER D 148 12.06 -56.65 -37.41
CA SER D 148 11.40 -56.14 -38.59
C SER D 148 10.72 -54.82 -38.24
N PRO D 149 10.51 -53.95 -39.25
CA PRO D 149 9.64 -52.79 -39.05
C PRO D 149 8.30 -53.13 -38.38
N GLY D 150 7.92 -52.34 -37.37
CA GLY D 150 6.70 -52.55 -36.63
C GLY D 150 6.83 -53.33 -35.34
N GLU D 151 8.05 -53.79 -35.04
CA GLU D 151 8.35 -54.54 -33.82
C GLU D 151 9.01 -53.65 -32.79
N ARG D 152 9.07 -54.15 -31.56
CA ARG D 152 9.61 -53.38 -30.46
C ARG D 152 11.04 -53.84 -30.22
N ALA D 153 11.93 -52.87 -30.05
CA ALA D 153 13.30 -53.14 -29.67
C ALA D 153 13.50 -52.69 -28.21
N THR D 154 14.07 -53.58 -27.38
CA THR D 154 14.40 -53.26 -26.00
C THR D 154 15.90 -53.47 -25.77
N LEU D 155 16.60 -52.35 -25.57
CA LEU D 155 18.05 -52.30 -25.43
C LEU D 155 18.40 -52.04 -23.97
N SER D 156 19.31 -52.84 -23.42
CA SER D 156 19.76 -52.68 -22.03
C SER D 156 21.11 -51.97 -21.92
N CYS D 157 21.29 -51.21 -20.84
CA CYS D 157 22.55 -50.57 -20.52
C CYS D 157 22.78 -50.74 -19.01
N ARG D 158 23.91 -51.33 -18.64
CA ARG D 158 24.16 -51.63 -17.25
C ARG D 158 25.44 -50.90 -16.80
N ALA D 159 25.32 -50.12 -15.73
CA ALA D 159 26.42 -49.30 -15.23
C ALA D 159 27.14 -50.06 -14.13
N SER D 160 28.47 -49.91 -14.08
CA SER D 160 29.29 -50.67 -13.13
C SER D 160 29.09 -50.14 -11.73
N GLN D 161 28.91 -48.82 -11.64
CA GLN D 161 28.41 -48.17 -10.44
C GLN D 161 27.29 -47.20 -10.81
N SER D 162 26.51 -46.80 -9.80
CA SER D 162 25.35 -45.93 -9.99
C SER D 162 25.71 -44.59 -10.64
N VAL D 163 25.00 -44.28 -11.72
CA VAL D 163 25.06 -42.99 -12.38
C VAL D 163 23.75 -42.22 -12.15
N ARG D 164 22.96 -42.65 -11.16
CA ARG D 164 21.61 -42.13 -10.96
C ARG D 164 20.84 -42.00 -12.29
N SER D 165 20.34 -40.81 -12.63
CA SER D 165 19.51 -40.63 -13.82
C SER D 165 20.32 -40.15 -15.01
N ASN D 166 21.64 -40.06 -14.83
CA ASN D 166 22.51 -39.31 -15.72
C ASN D 166 22.99 -40.09 -16.94
N LEU D 167 22.04 -40.75 -17.60
CA LEU D 167 22.34 -41.52 -18.80
C LEU D 167 21.73 -40.83 -20.01
N ALA D 168 22.47 -40.75 -21.11
CA ALA D 168 21.93 -40.32 -22.38
C ALA D 168 22.02 -41.46 -23.36
N TRP D 169 21.21 -41.38 -24.42
CA TRP D 169 21.25 -42.35 -25.51
C TRP D 169 21.48 -41.63 -26.83
N TYR D 170 22.23 -42.30 -27.72
CA TYR D 170 22.60 -41.76 -29.03
C TYR D 170 22.30 -42.79 -30.10
N GLN D 171 21.89 -42.32 -31.28
CA GLN D 171 21.70 -43.16 -32.45
C GLN D 171 22.87 -42.89 -33.39
N GLN D 172 23.49 -43.94 -33.92
CA GLN D 172 24.55 -43.79 -34.93
C GLN D 172 24.29 -44.63 -36.18
N LYS D 173 24.09 -43.96 -37.32
CA LYS D 173 24.02 -44.65 -38.61
C LYS D 173 25.43 -44.96 -39.07
N PRO D 174 25.65 -46.03 -39.88
CA PRO D 174 26.98 -46.50 -40.22
C PRO D 174 27.91 -45.41 -40.76
N GLY D 175 28.99 -45.16 -40.03
CA GLY D 175 30.00 -44.18 -40.43
C GLY D 175 29.54 -42.73 -40.30
N GLN D 176 28.34 -42.51 -39.78
CA GLN D 176 27.81 -41.15 -39.58
C GLN D 176 27.90 -40.78 -38.10
N ALA D 177 27.72 -39.49 -37.83
CA ALA D 177 27.88 -38.96 -36.47
C ALA D 177 26.68 -39.33 -35.61
N PRO D 178 26.92 -39.56 -34.30
CA PRO D 178 25.82 -39.81 -33.39
C PRO D 178 24.85 -38.63 -33.28
N ARG D 179 23.58 -38.96 -33.06
CA ARG D 179 22.54 -37.99 -32.78
C ARG D 179 21.99 -38.33 -31.40
N PRO D 180 21.76 -37.31 -30.55
CA PRO D 180 21.14 -37.59 -29.25
C PRO D 180 19.67 -37.98 -29.36
N LEU D 181 19.30 -39.07 -28.67
CA LEU D 181 17.91 -39.51 -28.60
C LEU D 181 17.25 -39.09 -27.28
N ILE D 182 17.94 -39.35 -26.18
CA ILE D 182 17.38 -39.21 -24.85
C ILE D 182 18.43 -38.69 -23.88
N TYR D 183 18.01 -37.77 -23.02
CA TYR D 183 18.82 -37.23 -21.93
C TYR D 183 18.21 -37.62 -20.63
N ASP D 184 19.04 -37.70 -19.60
CA ASP D 184 18.61 -38.01 -18.23
C ASP D 184 17.71 -39.25 -18.18
N ALA D 185 18.15 -40.32 -18.84
CA ALA D 185 17.46 -41.61 -18.75
C ALA D 185 16.21 -41.68 -19.64
N SER D 186 15.39 -40.65 -19.55
CA SER D 186 13.99 -40.69 -20.02
C SER D 186 13.48 -39.50 -20.81
N THR D 187 14.24 -38.41 -20.87
CA THR D 187 13.83 -37.19 -21.59
C THR D 187 14.29 -37.19 -23.06
N ARG D 188 13.32 -37.21 -23.96
CA ARG D 188 13.59 -37.23 -25.39
C ARG D 188 14.23 -35.93 -25.86
N ALA D 189 15.22 -36.06 -26.75
CA ALA D 189 15.91 -34.91 -27.31
C ALA D 189 15.05 -34.29 -28.41
N THR D 190 15.44 -33.09 -28.83
CA THR D 190 14.68 -32.31 -29.80
C THR D 190 14.52 -33.08 -31.12
N GLY D 191 13.26 -33.31 -31.50
CA GLY D 191 12.92 -33.94 -32.78
C GLY D 191 12.68 -35.44 -32.71
N ILE D 192 12.80 -36.01 -31.51
CA ILE D 192 12.74 -37.46 -31.33
C ILE D 192 11.32 -37.89 -31.05
N PRO D 193 10.72 -38.69 -31.96
CA PRO D 193 9.31 -39.09 -31.79
C PRO D 193 9.10 -39.90 -30.53
N ASP D 194 7.84 -40.04 -30.13
CA ASP D 194 7.50 -40.62 -28.83
C ASP D 194 7.57 -42.15 -28.79
N ARG D 195 7.91 -42.79 -29.91
CA ARG D 195 8.14 -44.24 -29.94
C ARG D 195 9.48 -44.63 -29.30
N PHE D 196 10.38 -43.66 -29.16
CA PHE D 196 11.57 -43.83 -28.35
C PHE D 196 11.23 -43.46 -26.92
N SER D 197 11.49 -44.38 -26.00
CA SER D 197 11.35 -44.06 -24.59
C SER D 197 12.44 -44.74 -23.77
N GLY D 198 12.91 -44.04 -22.74
CA GLY D 198 13.97 -44.55 -21.90
C GLY D 198 13.52 -44.60 -20.47
N SER D 199 14.09 -45.52 -19.72
CA SER D 199 13.69 -45.78 -18.36
C SER D 199 14.90 -46.20 -17.53
N GLY D 200 14.94 -45.77 -16.28
CA GLY D 200 15.89 -46.31 -15.32
C GLY D 200 16.59 -45.23 -14.52
N SER D 201 17.15 -45.64 -13.39
CA SER D 201 17.92 -44.74 -12.55
C SER D 201 18.82 -45.57 -11.65
N GLY D 202 20.11 -45.30 -11.73
CA GLY D 202 21.12 -46.01 -10.93
C GLY D 202 22.12 -46.75 -11.81
N THR D 203 21.97 -48.06 -11.87
CA THR D 203 22.84 -48.91 -12.66
C THR D 203 22.14 -49.68 -13.80
N ASP D 204 20.82 -49.67 -13.83
CA ASP D 204 20.04 -50.50 -14.77
C ASP D 204 19.10 -49.64 -15.61
N PHE D 205 19.28 -49.67 -16.92
CA PHE D 205 18.60 -48.76 -17.84
C PHE D 205 18.08 -49.46 -19.08
N THR D 206 17.08 -48.89 -19.73
CA THR D 206 16.61 -49.41 -21.01
C THR D 206 16.20 -48.30 -21.97
N LEU D 207 16.26 -48.64 -23.26
CA LEU D 207 15.71 -47.83 -24.35
C LEU D 207 14.78 -48.73 -25.12
N THR D 208 13.51 -48.34 -25.19
CA THR D 208 12.54 -49.06 -25.97
C THR D 208 12.26 -48.24 -27.22
N ILE D 209 12.42 -48.89 -28.37
CA ILE D 209 11.99 -48.32 -29.64
C ILE D 209 10.79 -49.12 -30.07
N SER D 210 9.60 -48.57 -29.83
CA SER D 210 8.34 -49.25 -30.17
C SER D 210 8.02 -49.05 -31.66
N ARG D 211 7.29 -50.00 -32.23
CA ARG D 211 7.03 -50.00 -33.66
C ARG D 211 8.20 -49.41 -34.44
N LEU D 212 9.23 -50.23 -34.66
CA LEU D 212 10.41 -49.81 -35.42
C LEU D 212 10.03 -49.40 -36.84
N GLU D 213 10.67 -48.33 -37.30
CA GLU D 213 10.51 -47.86 -38.67
C GLU D 213 11.87 -47.97 -39.35
N PRO D 214 11.89 -48.02 -40.69
CA PRO D 214 13.13 -48.22 -41.46
C PRO D 214 14.34 -47.40 -40.99
N GLU D 215 14.11 -46.13 -40.66
CA GLU D 215 15.20 -45.22 -40.29
C GLU D 215 15.82 -45.52 -38.93
N ASP D 216 15.17 -46.38 -38.14
CA ASP D 216 15.57 -46.63 -36.75
C ASP D 216 16.65 -47.67 -36.60
N PHE D 217 16.94 -48.37 -37.69
CA PHE D 217 17.93 -49.44 -37.65
C PHE D 217 19.30 -48.77 -37.65
N ALA D 218 20.06 -49.01 -36.57
CA ALA D 218 21.28 -48.28 -36.30
C ALA D 218 21.99 -48.87 -35.08
N VAL D 219 23.16 -48.36 -34.77
CA VAL D 219 23.82 -48.63 -33.50
C VAL D 219 23.33 -47.60 -32.48
N TYR D 220 23.01 -48.10 -31.28
CA TYR D 220 22.56 -47.27 -30.19
C TYR D 220 23.57 -47.32 -29.05
N TYR D 221 23.97 -46.13 -28.60
CA TYR D 221 24.97 -45.96 -27.57
C TYR D 221 24.31 -45.31 -26.37
N CYS D 222 24.61 -45.82 -25.18
CA CYS D 222 24.27 -45.16 -23.95
C CYS D 222 25.53 -44.42 -23.53
N GLN D 223 25.34 -43.33 -22.78
CA GLN D 223 26.42 -42.51 -22.24
C GLN D 223 26.07 -42.13 -20.80
N GLN D 224 27.06 -42.15 -19.91
CA GLN D 224 26.90 -41.55 -18.59
C GLN D 224 27.73 -40.27 -18.51
N ARG D 225 27.16 -39.25 -17.89
CA ARG D 225 27.81 -37.95 -17.74
C ARG D 225 28.27 -37.63 -16.32
N SER D 226 27.70 -38.29 -15.31
CA SER D 226 27.91 -37.87 -13.90
C SER D 226 29.17 -38.36 -13.18
N ASN D 227 29.69 -39.52 -13.57
CA ASN D 227 30.90 -40.09 -12.97
C ASN D 227 32.09 -39.82 -13.89
N TRP D 228 33.14 -39.22 -13.35
CA TRP D 228 34.27 -38.75 -14.16
C TRP D 228 35.16 -39.91 -14.60
N PRO D 229 35.55 -39.93 -15.91
CA PRO D 229 35.12 -39.09 -17.01
C PRO D 229 33.89 -39.64 -17.74
N PRO D 230 33.23 -38.82 -18.57
CA PRO D 230 32.12 -39.32 -19.37
C PRO D 230 32.51 -40.57 -20.16
N THR D 231 31.72 -41.63 -20.02
CA THR D 231 32.00 -42.90 -20.66
C THR D 231 30.79 -43.36 -21.46
N PHE D 232 31.04 -44.05 -22.56
CA PHE D 232 29.99 -44.59 -23.41
C PHE D 232 29.98 -46.12 -23.36
N GLY D 233 28.81 -46.70 -23.62
CA GLY D 233 28.69 -48.12 -23.86
C GLY D 233 29.27 -48.51 -25.21
N GLN D 234 29.32 -49.81 -25.45
CA GLN D 234 29.98 -50.36 -26.63
C GLN D 234 28.99 -50.51 -27.78
N GLY D 235 27.71 -50.30 -27.49
CA GLY D 235 26.69 -50.22 -28.53
C GLY D 235 25.80 -51.45 -28.64
N THR D 236 24.61 -51.22 -29.18
CA THR D 236 23.74 -52.28 -29.62
C THR D 236 23.29 -51.94 -31.05
N LYS D 237 23.49 -52.88 -31.95
CA LYS D 237 23.13 -52.70 -33.34
C LYS D 237 21.74 -53.25 -33.54
N VAL D 238 20.81 -52.40 -33.97
CA VAL D 238 19.46 -52.83 -34.29
C VAL D 238 19.41 -53.05 -35.78
N GLU D 239 19.40 -54.33 -36.17
CA GLU D 239 19.48 -54.76 -37.56
C GLU D 239 18.11 -55.12 -38.10
N VAL D 240 17.97 -55.00 -39.41
CA VAL D 240 16.79 -55.55 -40.09
C VAL D 240 16.93 -57.07 -40.07
N LYS D 241 15.86 -57.76 -39.65
CA LYS D 241 15.89 -59.20 -39.53
C LYS D 241 15.80 -59.81 -40.91
N SER D 242 16.93 -60.37 -41.37
CA SER D 242 16.94 -61.21 -42.56
C SER D 242 16.50 -62.58 -42.09
N GLY D 243 15.99 -63.40 -42.99
CA GLY D 243 15.46 -64.70 -42.59
C GLY D 243 14.04 -64.57 -42.09
N LEU D 244 13.09 -64.73 -43.01
CA LEU D 244 11.69 -64.94 -42.63
C LEU D 244 10.91 -65.45 -43.84
N VAL D 245 10.76 -66.77 -43.94
CA VAL D 245 9.97 -67.41 -45.03
C VAL D 245 8.91 -68.43 -44.54
N PRO D 246 9.32 -69.57 -43.94
CA PRO D 246 8.34 -70.51 -43.41
C PRO D 246 8.22 -70.45 -41.87
N ARG D 247 7.03 -70.10 -41.37
CA ARG D 247 6.73 -70.00 -39.93
C ARG D 247 7.72 -69.10 -39.17
#